data_7MJD
#
_entry.id   7MJD
#
_cell.length_a   102.040
_cell.length_b   102.040
_cell.length_c   186.037
_cell.angle_alpha   90.000
_cell.angle_beta   90.000
_cell.angle_gamma   120.000
#
_symmetry.space_group_name_H-M   'P 32 2 1'
#
loop_
_entity.id
_entity.type
_entity.pdbx_description
1 polymer 'Aldehyde dehydrogenase X, mitochondrial'
2 non-polymer 'SODIUM ION'
3 non-polymer NICOTINAMIDE-ADENINE-DINUCLEOTIDE
4 non-polymer 8-(2-methoxyphenyl)-10-(4-phenylphenyl)-1$l^{4},8-diazabicyclo[5.3.0]deca-1(7),9-diene
5 non-polymer 'PENTAETHYLENE GLYCOL'
6 non-polymer GLYCEROL
7 water water
#
_entity_poly.entity_id   1
_entity_poly.type   'polypeptide(L)'
_entity_poly.pdbx_seq_one_letter_code
;SSAAALPSPILNPDIPYNQLFINNEWQDAVSKKTFPTVNPTTGEVIGHVAEGDRADVDRAVKAAREAFRLGSPWRRMDAS
ERGRLLNRLADLVERDRVYLASLETLDNGKPFQESYALDLDEVIKVYRYFAGWADKWHGKTIPMDGQHFCFTRHEPVGVC
GQIIPWNFPLVMQGWKLAPALATGNTVVMKVAEQTPLSALYLASLIKEAGFPPGVVNIITGYGPTAGAAIAQHMDVDKVA
FTGSTEVGHLIQKAAGDSNLKRVTLELGGKSPSIVLADADMEHAVEQCHEALFFNMGQCCCAGSRTFVEESIYNEFLERT
VEKAKQRKVGNPFELDTQQGPQVDKEQFERVLGYIQLGQKEGAKLLCGGERFGERGFFIKPTVFGGVQDDMRIAKEEIFG
PVQPLFKFKKIEEVVERANNTRYGLAAAVFTRDLDKAMYFTQALQAGTVWVNTYNIVTCHTPFGGFKESGNGRELGEDGL
KAYTEVKTVTIKVPQKNS
;
_entity_poly.pdbx_strand_id   A,B
#
loop_
_chem_comp.id
_chem_comp.type
_chem_comp.name
_chem_comp.formula
1PE non-polymer 'PENTAETHYLENE GLYCOL' 'C10 H22 O6'
GOL non-polymer GLYCEROL 'C3 H8 O3'
NA non-polymer 'SODIUM ION' 'Na 1'
NAD non-polymer NICOTINAMIDE-ADENINE-DINUCLEOTIDE 'C21 H27 N7 O14 P2'
ZGG non-polymer 8-(2-methoxyphenyl)-10-(4-phenylphenyl)-1$l^{4},8-diazabicyclo[5.3.0]deca-1(7),9-diene 'C27 H27 N2 O 1'
#
# COMPACT_ATOMS: atom_id res chain seq x y z
N LEU A 6 -13.47 -31.12 25.87
CA LEU A 6 -14.14 -29.79 25.78
C LEU A 6 -14.65 -29.35 27.16
N PRO A 7 -14.12 -28.25 27.71
CA PRO A 7 -14.49 -27.86 29.08
C PRO A 7 -15.83 -27.18 29.19
N SER A 8 -16.32 -27.05 30.42
CA SER A 8 -17.59 -26.38 30.68
C SER A 8 -17.40 -24.87 30.52
N PRO A 9 -18.35 -24.18 29.88
CA PRO A 9 -18.26 -22.72 29.88
C PRO A 9 -18.61 -22.10 31.22
N ILE A 10 -18.15 -20.88 31.42
CA ILE A 10 -18.56 -20.05 32.54
C ILE A 10 -19.78 -19.28 32.03
N LEU A 11 -20.94 -19.52 32.64
CA LEU A 11 -22.23 -18.98 32.14
C LEU A 11 -22.55 -17.56 32.62
N ASN A 12 -21.94 -17.20 33.74
CA ASN A 12 -22.16 -15.91 34.39
C ASN A 12 -20.80 -15.32 34.78
N PRO A 13 -19.98 -14.98 33.77
CA PRO A 13 -18.67 -14.44 34.11
C PRO A 13 -18.75 -13.05 34.73
N ASP A 14 -17.86 -12.76 35.66
CA ASP A 14 -17.63 -11.37 36.07
C ASP A 14 -16.99 -10.63 34.91
N ILE A 15 -17.45 -9.41 34.69
CA ILE A 15 -16.96 -8.55 33.61
C ILE A 15 -16.40 -7.27 34.27
N PRO A 16 -15.19 -7.34 34.85
CA PRO A 16 -14.61 -6.14 35.48
C PRO A 16 -14.28 -4.99 34.55
N TYR A 17 -13.93 -5.27 33.29
CA TYR A 17 -13.34 -4.27 32.41
C TYR A 17 -14.38 -3.77 31.38
N ASN A 18 -14.69 -2.47 31.45
CA ASN A 18 -15.69 -1.84 30.59
C ASN A 18 -15.40 -0.36 30.30
N GLN A 19 -14.13 0.02 30.36
CA GLN A 19 -13.69 1.39 30.17
C GLN A 19 -12.67 1.42 29.02
N LEU A 20 -12.32 2.63 28.60
CA LEU A 20 -11.21 2.82 27.65
C LEU A 20 -9.91 2.33 28.22
N PHE A 21 -9.04 1.79 27.36
CA PHE A 21 -7.68 1.40 27.78
C PHE A 21 -6.70 2.30 27.07
N ILE A 22 -6.06 3.18 27.84
CA ILE A 22 -5.20 4.25 27.33
C ILE A 22 -4.06 4.42 28.28
N ASN A 23 -2.84 4.31 27.76
CA ASN A 23 -1.63 4.41 28.56
C ASN A 23 -1.60 3.45 29.75
N ASN A 24 -2.08 2.23 29.51
CA ASN A 24 -2.18 1.15 30.50
C ASN A 24 -3.10 1.45 31.69
N GLU A 25 -4.00 2.42 31.49
CA GLU A 25 -4.92 2.92 32.51
C GLU A 25 -6.33 2.80 32.00
N TRP A 26 -7.23 2.40 32.88
CA TRP A 26 -8.66 2.29 32.56
C TRP A 26 -9.32 3.64 32.70
N GLN A 27 -9.97 4.14 31.66
CA GLN A 27 -10.52 5.51 31.73
C GLN A 27 -11.88 5.63 31.12
N ASP A 28 -12.67 6.55 31.69
CA ASP A 28 -13.97 6.88 31.13
C ASP A 28 -13.74 7.71 29.87
N ALA A 29 -14.73 7.77 29.00
CA ALA A 29 -14.71 8.75 27.91
C ALA A 29 -14.72 10.15 28.52
N VAL A 30 -14.15 11.14 27.83
CA VAL A 30 -14.13 12.52 28.36
C VAL A 30 -15.56 13.00 28.66
N SER A 31 -16.49 12.65 27.78
CA SER A 31 -17.90 13.01 27.90
C SER A 31 -18.65 12.25 29.00
N LYS A 32 -18.05 11.20 29.54
CA LYS A 32 -18.69 10.27 30.50
C LYS A 32 -19.86 9.46 29.91
N LYS A 33 -20.06 9.56 28.59
CA LYS A 33 -21.09 8.77 27.93
C LYS A 33 -20.68 7.29 27.92
N THR A 34 -21.70 6.44 27.97
CA THR A 34 -21.53 4.99 27.88
C THR A 34 -22.57 4.50 26.91
N PHE A 35 -22.40 3.27 26.41
CA PHE A 35 -23.41 2.67 25.52
C PHE A 35 -23.57 1.19 25.84
N PRO A 36 -24.77 0.62 25.58
CA PRO A 36 -25.00 -0.77 25.94
C PRO A 36 -24.49 -1.80 24.91
N THR A 37 -24.08 -2.96 25.40
CA THR A 37 -23.91 -4.15 24.55
C THR A 37 -24.88 -5.24 24.99
N VAL A 38 -25.47 -5.89 23.99
CA VAL A 38 -26.50 -6.90 24.14
C VAL A 38 -25.93 -8.33 24.03
N ASN A 39 -26.50 -9.22 24.83
CA ASN A 39 -26.38 -10.65 24.63
C ASN A 39 -27.36 -11.08 23.53
N PRO A 40 -26.85 -11.43 22.33
CA PRO A 40 -27.79 -11.80 21.26
C PRO A 40 -28.61 -13.09 21.47
N THR A 41 -28.22 -13.94 22.41
CA THR A 41 -29.00 -15.14 22.72
C THR A 41 -30.34 -14.79 23.36
N THR A 42 -30.32 -13.86 24.31
CA THR A 42 -31.51 -13.43 25.04
C THR A 42 -32.10 -12.12 24.54
N GLY A 43 -31.26 -11.28 23.94
CA GLY A 43 -31.65 -9.95 23.55
C GLY A 43 -31.56 -8.93 24.67
N GLU A 44 -31.00 -9.32 25.81
CA GLU A 44 -30.88 -8.41 26.97
C GLU A 44 -29.51 -7.73 27.01
N VAL A 45 -29.48 -6.59 27.69
CA VAL A 45 -28.25 -5.81 27.90
C VAL A 45 -27.37 -6.51 28.91
N ILE A 46 -26.14 -6.83 28.52
CA ILE A 46 -25.15 -7.41 29.45
C ILE A 46 -24.66 -6.30 30.39
N GLY A 47 -24.32 -5.15 29.81
CA GLY A 47 -23.85 -3.98 30.54
C GLY A 47 -23.48 -2.83 29.62
N HIS A 48 -22.74 -1.88 30.16
CA HIS A 48 -22.41 -0.64 29.44
C HIS A 48 -20.91 -0.50 29.37
N VAL A 49 -20.45 0.14 28.29
CA VAL A 49 -19.01 0.45 28.14
C VAL A 49 -18.84 1.90 27.72
N ALA A 50 -17.65 2.43 27.94
CA ALA A 50 -17.38 3.81 27.58
C ALA A 50 -17.58 4.08 26.08
N GLU A 51 -18.27 5.18 25.79
CA GLU A 51 -18.47 5.67 24.43
C GLU A 51 -17.34 6.67 24.08
N GLY A 52 -16.22 6.13 23.62
CA GLY A 52 -15.12 6.91 23.15
C GLY A 52 -15.50 7.68 21.90
N ASP A 53 -14.98 8.89 21.80
CA ASP A 53 -15.21 9.72 20.64
C ASP A 53 -13.84 10.28 20.21
N ARG A 54 -13.86 11.41 19.50
CA ARG A 54 -12.71 12.06 18.89
C ARG A 54 -11.70 12.50 19.94
N ALA A 55 -12.19 13.06 21.04
CA ALA A 55 -11.31 13.52 22.13
C ALA A 55 -10.54 12.38 22.80
N ASP A 56 -11.16 11.21 22.82
CA ASP A 56 -10.57 10.04 23.46
C ASP A 56 -9.52 9.42 22.52
N VAL A 57 -9.83 9.39 21.24
CA VAL A 57 -8.87 8.96 20.21
C VAL A 57 -7.61 9.84 20.25
N ASP A 58 -7.78 11.17 20.31
CA ASP A 58 -6.63 12.09 20.44
C ASP A 58 -5.77 11.72 21.65
N ARG A 59 -6.41 11.37 22.75
CA ARG A 59 -5.69 11.00 23.96
C ARG A 59 -4.88 9.69 23.75
N ALA A 60 -5.49 8.72 23.07
CA ALA A 60 -4.87 7.43 22.80
C ALA A 60 -3.71 7.60 21.84
N VAL A 61 -3.95 8.30 20.74
CA VAL A 61 -2.90 8.62 19.76
C VAL A 61 -1.73 9.33 20.43
N LYS A 62 -2.02 10.29 21.31
CA LYS A 62 -0.95 10.93 22.10
C LYS A 62 -0.13 9.92 22.90
N ALA A 63 -0.80 9.01 23.58
CA ALA A 63 -0.08 7.99 24.33
C ALA A 63 0.76 7.05 23.40
N ALA A 64 0.17 6.67 22.27
CA ALA A 64 0.88 5.83 21.29
C ALA A 64 2.12 6.54 20.73
N ARG A 65 1.97 7.84 20.50
CA ARG A 65 3.05 8.65 19.95
C ARG A 65 4.24 8.74 20.91
N GLU A 66 3.94 9.02 22.17
CA GLU A 66 4.97 9.06 23.22
C GLU A 66 5.67 7.73 23.37
N ALA A 67 4.91 6.63 23.31
CA ALA A 67 5.48 5.29 23.38
C ALA A 67 6.36 4.99 22.18
N PHE A 68 6.06 5.61 21.03
CA PHE A 68 6.88 5.42 19.83
C PHE A 68 8.12 6.31 19.72
N ARG A 69 8.30 7.27 20.62
CA ARG A 69 9.38 8.27 20.50
C ARG A 69 10.77 7.61 20.54
N LEU A 70 11.69 8.10 19.71
CA LEU A 70 13.12 7.74 19.78
C LEU A 70 13.61 7.67 21.25
N GLY A 71 14.27 6.58 21.60
CA GLY A 71 14.72 6.38 22.98
C GLY A 71 13.70 5.92 24.02
N SER A 72 12.46 5.67 23.63
CA SER A 72 11.45 5.11 24.57
C SER A 72 11.78 3.64 24.88
N PRO A 73 11.22 3.09 25.98
CA PRO A 73 11.40 1.66 26.25
C PRO A 73 11.05 0.75 25.04
N TRP A 74 9.98 1.05 24.32
CA TRP A 74 9.52 0.22 23.20
C TRP A 74 10.44 0.28 21.98
N ARG A 75 11.04 1.44 21.75
CA ARG A 75 11.91 1.62 20.56
C ARG A 75 13.29 1.02 20.77
N ARG A 76 13.76 0.97 22.00
CA ARG A 76 15.12 0.53 22.27
C ARG A 76 15.23 -0.89 22.80
N MET A 77 14.12 -1.43 23.27
CA MET A 77 13.98 -2.87 23.53
C MET A 77 14.52 -3.76 22.39
N ASP A 78 15.20 -4.85 22.73
CA ASP A 78 15.55 -5.86 21.73
C ASP A 78 14.27 -6.34 21.02
N ALA A 79 14.38 -6.56 19.72
CA ALA A 79 13.28 -7.13 18.94
C ALA A 79 12.84 -8.48 19.54
N SER A 80 13.82 -9.26 20.01
CA SER A 80 13.52 -10.52 20.72
C SER A 80 12.68 -10.35 21.99
N GLU A 81 12.78 -9.19 22.63
CA GLU A 81 12.01 -8.92 23.85
C GLU A 81 10.55 -8.60 23.51
N ARG A 82 10.33 -7.90 22.40
CA ARG A 82 8.98 -7.77 21.83
C ARG A 82 8.36 -9.15 21.60
N GLY A 83 9.14 -10.05 21.02
CA GLY A 83 8.77 -11.45 20.88
C GLY A 83 8.39 -12.11 22.19
N ARG A 84 9.23 -11.98 23.20
CA ARG A 84 8.93 -12.58 24.51
C ARG A 84 7.65 -12.02 25.10
N LEU A 85 7.42 -10.73 24.92
CA LEU A 85 6.19 -10.11 25.39
C LEU A 85 4.95 -10.71 24.71
N LEU A 86 5.05 -10.95 23.40
CA LEU A 86 3.93 -11.54 22.65
C LEU A 86 3.68 -13.00 23.02
N ASN A 87 4.76 -13.70 23.29
CA ASN A 87 4.70 -15.07 23.78
C ASN A 87 4.04 -15.17 25.15
N ARG A 88 4.41 -14.25 26.03
CA ARG A 88 3.84 -14.16 27.37
C ARG A 88 2.35 -13.84 27.30
N LEU A 89 1.97 -12.95 26.39
CA LEU A 89 0.57 -12.67 26.15
C LEU A 89 -0.19 -13.95 25.77
N ALA A 90 0.38 -14.72 24.84
CA ALA A 90 -0.19 -16.02 24.43
C ALA A 90 -0.39 -16.95 25.61
N ASP A 91 0.60 -17.00 26.51
CA ASP A 91 0.48 -17.84 27.71
C ASP A 91 -0.67 -17.42 28.60
N LEU A 92 -0.86 -16.12 28.76
CA LEU A 92 -1.97 -15.56 29.53
C LEU A 92 -3.34 -15.85 28.89
N VAL A 93 -3.41 -15.76 27.56
CA VAL A 93 -4.65 -16.12 26.83
C VAL A 93 -4.99 -17.60 27.06
N GLU A 94 -3.97 -18.45 26.90
CA GLU A 94 -4.08 -19.86 27.20
C GLU A 94 -4.57 -20.10 28.64
N ARG A 95 -3.95 -19.45 29.61
CA ARG A 95 -4.38 -19.53 31.01
C ARG A 95 -5.87 -19.23 31.19
N ASP A 96 -6.31 -18.10 30.60
CA ASP A 96 -7.71 -17.62 30.68
C ASP A 96 -8.61 -18.03 29.48
N ARG A 97 -8.33 -19.17 28.90
CA ARG A 97 -8.98 -19.54 27.64
C ARG A 97 -10.49 -19.74 27.80
N VAL A 98 -10.88 -20.40 28.88
CA VAL A 98 -12.28 -20.71 29.11
C VAL A 98 -13.03 -19.43 29.34
N TYR A 99 -12.49 -18.57 30.18
CA TYR A 99 -13.07 -17.26 30.43
C TYR A 99 -13.23 -16.47 29.14
N LEU A 100 -12.15 -16.39 28.36
CA LEU A 100 -12.17 -15.56 27.16
C LEU A 100 -13.19 -16.08 26.15
N ALA A 101 -13.22 -17.40 25.98
CA ALA A 101 -14.18 -18.03 25.07
C ALA A 101 -15.63 -17.89 25.57
N SER A 102 -15.82 -17.94 26.89
CA SER A 102 -17.17 -17.77 27.45
C SER A 102 -17.67 -16.35 27.22
N LEU A 103 -16.80 -15.37 27.44
CA LEU A 103 -17.13 -13.97 27.20
C LEU A 103 -17.39 -13.70 25.70
N GLU A 104 -16.58 -14.27 24.83
CA GLU A 104 -16.80 -14.15 23.40
C GLU A 104 -18.22 -14.64 23.05
N THR A 105 -18.57 -15.83 23.52
CA THR A 105 -19.91 -16.38 23.25
C THR A 105 -21.05 -15.50 23.81
N LEU A 106 -20.88 -15.03 25.03
CA LEU A 106 -21.87 -14.16 25.64
C LEU A 106 -22.18 -12.93 24.78
N ASP A 107 -21.12 -12.29 24.27
CA ASP A 107 -21.22 -10.97 23.66
C ASP A 107 -21.51 -11.03 22.15
N ASN A 108 -21.02 -12.08 21.50
CA ASN A 108 -21.09 -12.19 20.05
C ASN A 108 -22.15 -13.22 19.61
N GLY A 109 -22.35 -14.26 20.42
CA GLY A 109 -23.33 -15.28 20.12
C GLY A 109 -22.77 -16.57 19.52
N LYS A 110 -21.49 -16.61 19.17
CA LYS A 110 -20.98 -17.82 18.50
C LYS A 110 -21.03 -19.03 19.47
N PRO A 111 -21.22 -20.24 18.92
CA PRO A 111 -21.20 -21.41 19.82
C PRO A 111 -19.88 -21.54 20.58
N PHE A 112 -19.97 -21.88 21.87
CA PHE A 112 -18.82 -22.10 22.72
C PHE A 112 -17.90 -23.19 22.18
N GLN A 113 -18.45 -24.16 21.45
CA GLN A 113 -17.59 -25.11 20.71
C GLN A 113 -16.64 -24.39 19.72
N GLU A 114 -17.15 -23.40 18.98
CA GLU A 114 -16.33 -22.59 18.06
C GLU A 114 -15.37 -21.69 18.87
N SER A 115 -15.94 -20.90 19.78
CA SER A 115 -15.18 -19.99 20.64
C SER A 115 -13.96 -20.59 21.28
N TYR A 116 -14.17 -21.71 21.95
CA TYR A 116 -13.09 -22.36 22.71
C TYR A 116 -12.08 -23.05 21.81
N ALA A 117 -12.59 -23.86 20.90
CA ALA A 117 -11.76 -24.80 20.13
C ALA A 117 -11.22 -24.22 18.84
N LEU A 118 -11.88 -23.21 18.27
CA LEU A 118 -11.41 -22.61 17.01
C LEU A 118 -10.86 -21.20 17.22
N ASP A 119 -11.71 -20.25 17.57
CA ASP A 119 -11.30 -18.85 17.79
C ASP A 119 -10.11 -18.73 18.75
N LEU A 120 -10.28 -19.23 19.97
CA LEU A 120 -9.23 -19.06 20.99
C LEU A 120 -7.95 -19.77 20.59
N ASP A 121 -8.10 -20.91 19.91
CA ASP A 121 -6.97 -21.64 19.34
C ASP A 121 -6.19 -20.69 18.42
N GLU A 122 -6.90 -20.09 17.47
CA GLU A 122 -6.30 -19.18 16.48
C GLU A 122 -5.65 -17.95 17.13
N VAL A 123 -6.28 -17.39 18.17
CA VAL A 123 -5.75 -16.23 18.94
C VAL A 123 -4.39 -16.56 19.55
N ILE A 124 -4.33 -17.69 20.23
CA ILE A 124 -3.08 -18.17 20.84
C ILE A 124 -2.02 -18.37 19.78
N LYS A 125 -2.38 -19.03 18.69
CA LYS A 125 -1.45 -19.30 17.62
C LYS A 125 -0.88 -18.03 16.96
N VAL A 126 -1.73 -17.02 16.78
CA VAL A 126 -1.31 -15.84 16.02
C VAL A 126 -0.31 -15.03 16.85
N TYR A 127 -0.58 -14.89 18.15
CA TYR A 127 0.34 -14.24 19.03
C TYR A 127 1.68 -14.97 19.08
N ARG A 128 1.65 -16.29 19.26
CA ARG A 128 2.89 -17.10 19.22
C ARG A 128 3.62 -17.04 17.89
N TYR A 129 2.86 -17.02 16.79
CA TYR A 129 3.46 -17.00 15.46
C TYR A 129 4.25 -15.71 15.27
N PHE A 130 3.60 -14.58 15.52
CA PHE A 130 4.28 -13.30 15.30
C PHE A 130 5.32 -12.99 16.35
N ALA A 131 5.19 -13.58 17.53
CA ALA A 131 6.27 -13.53 18.54
C ALA A 131 7.59 -14.01 17.94
N GLY A 132 7.52 -15.05 17.12
CA GLY A 132 8.68 -15.55 16.44
C GLY A 132 9.23 -14.69 15.33
N TRP A 133 8.40 -13.88 14.67
CA TRP A 133 8.87 -13.00 13.59
C TRP A 133 9.67 -11.78 14.02
N ALA A 134 9.50 -11.36 15.27
CA ALA A 134 10.01 -10.08 15.75
C ALA A 134 11.51 -9.92 15.49
N ASP A 135 12.28 -10.98 15.73
CA ASP A 135 13.74 -10.93 15.56
C ASP A 135 14.26 -11.64 14.33
N LYS A 136 13.37 -11.91 13.37
CA LYS A 136 13.68 -12.61 12.14
C LYS A 136 13.27 -11.88 10.89
N TRP A 137 12.82 -10.63 11.05
CA TRP A 137 12.40 -9.77 9.97
C TRP A 137 13.63 -8.95 9.56
N HIS A 138 14.22 -9.31 8.43
CA HIS A 138 15.52 -8.81 8.03
C HIS A 138 15.38 -7.82 6.91
N GLY A 139 16.18 -6.75 6.93
CA GLY A 139 16.40 -6.01 5.69
C GLY A 139 17.47 -6.62 4.80
N LYS A 140 18.05 -5.80 3.92
CA LYS A 140 18.97 -6.25 2.89
C LYS A 140 20.27 -5.48 2.89
N THR A 141 21.33 -6.14 2.41
CA THR A 141 22.52 -5.43 1.91
C THR A 141 22.57 -5.58 0.41
N ILE A 142 22.85 -4.49 -0.27
CA ILE A 142 22.60 -4.37 -1.71
C ILE A 142 23.92 -4.04 -2.44
N PRO A 143 24.33 -4.88 -3.44
CA PRO A 143 25.59 -4.71 -4.21
C PRO A 143 25.40 -3.69 -5.34
N MET A 144 25.16 -2.48 -4.89
CA MET A 144 24.87 -1.32 -5.70
C MET A 144 26.11 -0.83 -6.48
N ASP A 145 25.88 -0.14 -7.62
CA ASP A 145 26.99 0.52 -8.36
C ASP A 145 27.71 1.62 -7.55
N GLY A 146 28.98 1.85 -7.89
CA GLY A 146 29.80 2.88 -7.26
C GLY A 146 30.49 2.44 -5.99
N GLN A 147 31.18 3.39 -5.36
CA GLN A 147 31.95 3.16 -4.13
C GLN A 147 31.06 3.34 -2.90
N HIS A 148 30.06 2.45 -2.79
CA HIS A 148 29.00 2.58 -1.78
C HIS A 148 28.72 1.29 -1.02
N PHE A 149 28.37 1.42 0.25
CA PHE A 149 27.73 0.37 1.05
C PHE A 149 26.25 0.79 1.19
N CYS A 150 25.37 -0.10 0.77
CA CYS A 150 23.93 0.18 0.73
C CYS A 150 23.20 -0.93 1.47
N PHE A 151 22.30 -0.54 2.37
CA PHE A 151 21.45 -1.47 3.05
C PHE A 151 20.09 -0.88 3.36
N THR A 152 19.17 -1.76 3.73
CA THR A 152 17.82 -1.32 4.10
C THR A 152 17.59 -1.65 5.54
N ARG A 153 16.91 -0.72 6.23
CA ARG A 153 16.42 -0.95 7.57
C ARG A 153 14.92 -1.17 7.42
N HIS A 154 14.43 -2.19 8.11
CA HIS A 154 13.00 -2.42 8.28
C HIS A 154 12.53 -1.73 9.57
N GLU A 155 12.07 -0.50 9.43
CA GLU A 155 11.61 0.27 10.57
C GLU A 155 10.11 0.10 10.77
N PRO A 156 9.63 0.28 12.03
CA PRO A 156 8.16 0.25 12.19
C PRO A 156 7.55 1.43 11.45
N VAL A 157 6.33 1.28 10.99
CA VAL A 157 5.66 2.39 10.32
C VAL A 157 5.31 3.53 11.33
N GLY A 158 5.09 3.20 12.61
CA GLY A 158 4.74 4.20 13.62
C GLY A 158 3.45 3.90 14.38
N VAL A 159 2.63 4.95 14.55
CA VAL A 159 1.36 4.83 15.25
C VAL A 159 0.36 4.27 14.27
N CYS A 160 -0.16 3.09 14.60
CA CYS A 160 -1.02 2.33 13.71
C CYS A 160 -2.43 2.38 14.29
N GLY A 161 -3.34 2.93 13.51
CA GLY A 161 -4.73 2.93 13.83
C GLY A 161 -5.34 1.64 13.29
N GLN A 162 -6.01 0.90 14.15
CA GLN A 162 -6.53 -0.42 13.77
C GLN A 162 -8.01 -0.50 14.09
N ILE A 163 -8.82 -0.82 13.09
CA ILE A 163 -10.27 -0.85 13.23
C ILE A 163 -10.80 -2.20 12.76
N ILE A 164 -11.56 -2.86 13.63
CA ILE A 164 -11.97 -4.24 13.42
C ILE A 164 -13.50 -4.42 13.55
N PRO A 165 -14.06 -5.45 12.89
CA PRO A 165 -15.47 -5.78 12.95
C PRO A 165 -15.80 -6.68 14.16
N TRP A 166 -17.04 -7.16 14.18
CA TRP A 166 -17.62 -7.90 15.33
C TRP A 166 -17.66 -9.41 15.14
N ASN A 167 -17.39 -9.91 13.95
CA ASN A 167 -17.68 -11.31 13.68
C ASN A 167 -16.72 -12.29 14.34
N PHE A 168 -15.43 -11.94 14.44
CA PHE A 168 -14.45 -12.69 15.23
C PHE A 168 -13.66 -11.72 16.09
N PRO A 169 -14.24 -11.28 17.22
CA PRO A 169 -13.62 -10.13 17.91
C PRO A 169 -12.20 -10.37 18.40
N LEU A 170 -11.93 -11.49 19.07
CA LEU A 170 -10.55 -11.78 19.53
C LEU A 170 -9.59 -12.11 18.42
N VAL A 171 -10.05 -12.89 17.44
CA VAL A 171 -9.19 -13.28 16.35
C VAL A 171 -8.79 -12.04 15.51
N MET A 172 -9.77 -11.21 15.15
CA MET A 172 -9.50 -9.98 14.38
C MET A 172 -8.55 -9.05 15.14
N GLN A 173 -8.73 -8.97 16.46
CA GLN A 173 -7.82 -8.22 17.29
C GLN A 173 -6.39 -8.76 17.18
N GLY A 174 -6.22 -10.08 17.30
CA GLY A 174 -4.90 -10.72 17.25
C GLY A 174 -4.21 -10.56 15.91
N TRP A 175 -4.95 -10.80 14.82
CA TRP A 175 -4.47 -10.56 13.48
C TRP A 175 -3.90 -9.17 13.25
N LYS A 176 -4.48 -8.19 13.94
CA LYS A 176 -3.98 -6.82 13.89
C LYS A 176 -2.82 -6.58 14.87
N LEU A 177 -3.02 -6.89 16.14
CA LEU A 177 -2.05 -6.53 17.15
C LEU A 177 -0.72 -7.29 17.01
N ALA A 178 -0.80 -8.57 16.69
CA ALA A 178 0.39 -9.41 16.68
C ALA A 178 1.47 -8.96 15.68
N PRO A 179 1.13 -8.83 14.37
CA PRO A 179 2.17 -8.38 13.45
C PRO A 179 2.67 -6.95 13.69
N ALA A 180 1.75 -6.06 14.08
CA ALA A 180 2.05 -4.67 14.38
C ALA A 180 3.05 -4.52 15.53
N LEU A 181 2.81 -5.27 16.60
CA LEU A 181 3.70 -5.29 17.75
C LEU A 181 5.02 -6.01 17.49
N ALA A 182 4.97 -7.12 16.76
CA ALA A 182 6.18 -7.83 16.35
C ALA A 182 7.20 -6.92 15.66
N THR A 183 6.70 -6.01 14.83
CA THR A 183 7.51 -5.10 14.02
C THR A 183 7.80 -3.73 14.69
N GLY A 184 7.39 -3.58 15.95
CA GLY A 184 7.74 -2.45 16.78
C GLY A 184 6.85 -1.21 16.75
N ASN A 185 5.65 -1.35 16.23
CA ASN A 185 4.70 -0.24 16.17
C ASN A 185 3.97 -0.06 17.47
N THR A 186 3.21 1.03 17.56
CA THR A 186 2.31 1.26 18.67
C THR A 186 0.97 1.37 18.06
N VAL A 187 -0.06 1.16 18.86
CA VAL A 187 -1.41 0.92 18.33
C VAL A 187 -2.45 1.72 19.06
N VAL A 188 -3.40 2.24 18.29
CA VAL A 188 -4.69 2.68 18.78
C VAL A 188 -5.73 1.84 18.05
N MET A 189 -6.47 1.01 18.80
CA MET A 189 -7.44 0.10 18.19
C MET A 189 -8.86 0.49 18.52
N LYS A 190 -9.72 0.44 17.51
CA LYS A 190 -11.14 0.70 17.66
C LYS A 190 -11.89 -0.59 17.39
N VAL A 191 -12.43 -1.16 18.44
CA VAL A 191 -13.17 -2.40 18.39
C VAL A 191 -14.66 -2.13 18.09
N ALA A 192 -15.33 -3.16 17.61
CA ALA A 192 -16.69 -3.00 17.12
C ALA A 192 -17.67 -2.74 18.27
N GLU A 193 -18.63 -1.84 18.05
CA GLU A 193 -19.65 -1.50 19.05
C GLU A 193 -20.46 -2.72 19.55
N GLN A 194 -20.72 -3.64 18.63
CA GLN A 194 -21.48 -4.85 18.97
C GLN A 194 -20.76 -5.80 19.92
N THR A 195 -19.42 -5.78 19.96
CA THR A 195 -18.63 -6.81 20.72
C THR A 195 -17.41 -6.22 21.41
N PRO A 196 -17.62 -5.27 22.34
CA PRO A 196 -16.50 -4.57 22.95
C PRO A 196 -15.75 -5.34 24.04
N LEU A 197 -16.40 -6.34 24.66
CA LEU A 197 -15.97 -6.82 25.97
C LEU A 197 -14.73 -7.68 25.98
N SER A 198 -14.65 -8.66 25.08
CA SER A 198 -13.50 -9.59 25.09
C SER A 198 -12.18 -8.86 24.83
N ALA A 199 -12.22 -7.83 24.01
CA ALA A 199 -11.02 -7.08 23.66
C ALA A 199 -10.45 -6.30 24.84
N LEU A 200 -11.34 -5.86 25.73
CA LEU A 200 -10.93 -5.15 26.96
C LEU A 200 -10.28 -6.10 27.96
N TYR A 201 -10.82 -7.30 28.11
CA TYR A 201 -10.15 -8.30 28.96
C TYR A 201 -8.77 -8.64 28.40
N LEU A 202 -8.67 -8.74 27.09
CA LEU A 202 -7.37 -8.94 26.46
C LEU A 202 -6.39 -7.82 26.76
N ALA A 203 -6.85 -6.58 26.76
CA ALA A 203 -6.00 -5.46 27.14
C ALA A 203 -5.42 -5.57 28.53
N SER A 204 -6.21 -6.11 29.49
CA SER A 204 -5.72 -6.34 30.86
C SER A 204 -4.57 -7.36 30.88
N LEU A 205 -4.60 -8.29 29.93
CA LEU A 205 -3.53 -9.26 29.77
C LEU A 205 -2.31 -8.65 29.13
N ILE A 206 -2.53 -7.74 28.20
CA ILE A 206 -1.44 -6.95 27.63
C ILE A 206 -0.69 -6.20 28.74
N LYS A 207 -1.42 -5.56 29.65
CA LYS A 207 -0.82 -4.90 30.81
C LYS A 207 -0.08 -5.89 31.73
N GLU A 208 -0.71 -7.01 32.03
CA GLU A 208 -0.12 -8.02 32.91
C GLU A 208 1.14 -8.62 32.31
N ALA A 209 1.11 -8.88 31.00
CA ALA A 209 2.27 -9.39 30.30
C ALA A 209 3.48 -8.46 30.42
N GLY A 210 3.26 -7.15 30.55
CA GLY A 210 4.33 -6.17 30.75
C GLY A 210 4.63 -5.22 29.58
N PHE A 211 3.71 -5.08 28.61
CA PHE A 211 3.93 -4.13 27.50
C PHE A 211 3.98 -2.72 28.09
N PRO A 212 4.91 -1.85 27.62
CA PRO A 212 4.95 -0.48 28.12
C PRO A 212 3.64 0.29 27.90
N PRO A 213 3.33 1.25 28.81
CA PRO A 213 2.16 2.13 28.63
C PRO A 213 2.16 2.84 27.28
N GLY A 214 1.02 2.83 26.63
CA GLY A 214 0.86 3.50 25.36
C GLY A 214 1.12 2.66 24.12
N VAL A 215 1.80 1.51 24.27
CA VAL A 215 2.04 0.63 23.12
C VAL A 215 0.74 0.08 22.53
N VAL A 216 -0.21 -0.31 23.39
CA VAL A 216 -1.54 -0.73 22.94
C VAL A 216 -2.60 0.09 23.63
N ASN A 217 -3.49 0.68 22.84
CA ASN A 217 -4.60 1.50 23.36
C ASN A 217 -5.87 1.03 22.68
N ILE A 218 -6.91 0.73 23.47
CA ILE A 218 -8.19 0.21 22.98
C ILE A 218 -9.31 1.25 23.20
N ILE A 219 -9.98 1.61 22.13
CA ILE A 219 -11.12 2.53 22.15
C ILE A 219 -12.38 1.73 21.80
N THR A 220 -13.40 1.89 22.65
CA THR A 220 -14.76 1.42 22.35
C THR A 220 -15.61 2.62 21.92
N GLY A 221 -16.52 2.41 20.97
CA GLY A 221 -17.39 3.48 20.48
C GLY A 221 -17.79 3.23 19.06
N TYR A 222 -18.52 4.17 18.50
CA TYR A 222 -19.07 3.99 17.17
C TYR A 222 -18.05 4.25 16.06
N GLY A 223 -18.41 3.76 14.88
CA GLY A 223 -17.65 3.88 13.66
C GLY A 223 -17.44 5.30 13.14
N PRO A 224 -18.55 6.01 12.83
CA PRO A 224 -18.50 7.39 12.32
C PRO A 224 -17.97 8.46 13.29
N THR A 225 -17.81 8.12 14.57
CA THR A 225 -17.15 8.98 15.56
C THR A 225 -15.72 8.50 15.87
N ALA A 226 -15.58 7.47 16.72
CA ALA A 226 -14.26 6.97 17.14
C ALA A 226 -13.43 6.40 15.97
N GLY A 227 -14.06 5.60 15.12
CA GLY A 227 -13.34 5.03 13.96
C GLY A 227 -12.88 6.08 12.97
N ALA A 228 -13.80 6.98 12.63
CA ALA A 228 -13.54 8.10 11.71
C ALA A 228 -12.41 9.00 12.22
N ALA A 229 -12.42 9.22 13.53
CA ALA A 229 -11.41 10.02 14.18
C ALA A 229 -10.01 9.43 13.99
N ILE A 230 -9.91 8.10 13.99
CA ILE A 230 -8.61 7.44 13.77
C ILE A 230 -8.19 7.57 12.35
N ALA A 231 -9.10 7.29 11.43
CA ALA A 231 -8.77 7.34 10.02
C ALA A 231 -8.41 8.75 9.53
N GLN A 232 -8.98 9.78 10.16
CA GLN A 232 -8.76 11.19 9.77
C GLN A 232 -7.63 11.83 10.58
N HIS A 233 -7.11 11.14 11.58
CA HIS A 233 -6.12 11.73 12.48
C HIS A 233 -4.76 12.04 11.78
N MET A 234 -4.22 13.22 12.08
CA MET A 234 -3.05 13.75 11.38
C MET A 234 -1.75 13.24 11.94
N ASP A 235 -1.78 12.69 13.14
CA ASP A 235 -0.66 12.02 13.78
C ASP A 235 -0.72 10.47 13.82
N VAL A 236 -1.56 9.87 12.98
CA VAL A 236 -1.61 8.43 12.85
C VAL A 236 -0.95 8.10 11.54
N ASP A 237 0.06 7.22 11.57
CA ASP A 237 0.91 6.96 10.41
C ASP A 237 0.32 5.93 9.47
N LYS A 238 -0.50 5.05 10.01
CA LYS A 238 -1.03 3.91 9.28
C LYS A 238 -2.40 3.55 9.79
N VAL A 239 -3.30 3.17 8.88
CA VAL A 239 -4.59 2.64 9.31
C VAL A 239 -4.74 1.27 8.68
N ALA A 240 -5.07 0.28 9.50
CA ALA A 240 -5.43 -1.06 9.05
C ALA A 240 -6.89 -1.27 9.42
N PHE A 241 -7.73 -1.45 8.41
CA PHE A 241 -9.16 -1.51 8.55
C PHE A 241 -9.67 -2.83 8.06
N THR A 242 -10.47 -3.48 8.88
CA THR A 242 -11.23 -4.64 8.45
C THR A 242 -12.74 -4.35 8.64
N GLY A 243 -13.53 -4.61 7.61
CA GLY A 243 -14.94 -4.24 7.65
C GLY A 243 -15.56 -4.30 6.28
N SER A 244 -16.68 -3.61 6.12
CA SER A 244 -17.37 -3.57 4.83
C SER A 244 -16.59 -2.83 3.74
N THR A 245 -16.85 -3.22 2.52
CA THR A 245 -16.29 -2.58 1.38
C THR A 245 -16.72 -1.09 1.33
N GLU A 246 -17.99 -0.82 1.66
CA GLU A 246 -18.54 0.56 1.70
C GLU A 246 -17.72 1.49 2.61
N VAL A 247 -17.51 1.05 3.84
CA VAL A 247 -16.66 1.81 4.77
C VAL A 247 -15.21 1.83 4.30
N GLY A 248 -14.69 0.72 3.75
CA GLY A 248 -13.36 0.71 3.14
C GLY A 248 -13.07 1.89 2.20
N HIS A 249 -13.98 2.18 1.27
CA HIS A 249 -13.91 3.38 0.39
C HIS A 249 -13.70 4.66 1.18
N LEU A 250 -14.40 4.78 2.30
CA LEU A 250 -14.29 5.97 3.15
C LEU A 250 -12.97 6.07 3.90
N ILE A 251 -12.39 4.93 4.24
CA ILE A 251 -11.09 4.89 4.92
C ILE A 251 -10.01 5.39 3.97
N GLN A 252 -10.02 4.90 2.74
CA GLN A 252 -8.98 5.25 1.78
C GLN A 252 -9.08 6.73 1.41
N LYS A 253 -10.30 7.23 1.19
CA LYS A 253 -10.57 8.68 1.05
C LYS A 253 -10.06 9.50 2.24
N ALA A 254 -10.30 9.01 3.45
CA ALA A 254 -9.90 9.74 4.65
C ALA A 254 -8.39 9.87 4.80
N ALA A 255 -7.69 8.83 4.36
CA ALA A 255 -6.24 8.80 4.42
C ALA A 255 -5.70 9.89 3.45
N GLY A 256 -6.23 9.89 2.25
CA GLY A 256 -5.92 10.91 1.26
C GLY A 256 -6.35 12.32 1.63
N ASP A 257 -7.38 12.45 2.46
CA ASP A 257 -7.90 13.75 2.90
C ASP A 257 -7.15 14.30 4.12
N SER A 258 -6.42 13.46 4.83
CA SER A 258 -5.72 13.85 6.04
C SER A 258 -4.19 13.92 5.77
N ASN A 259 -3.45 12.86 6.13
CA ASN A 259 -1.98 12.90 6.15
C ASN A 259 -1.24 11.88 5.28
N LEU A 260 -1.94 11.28 4.33
CA LEU A 260 -1.39 10.22 3.48
C LEU A 260 -0.86 9.04 4.33
N LYS A 261 -1.54 8.79 5.45
CA LYS A 261 -1.29 7.58 6.21
C LYS A 261 -1.41 6.38 5.28
N ARG A 262 -0.61 5.38 5.62
CA ARG A 262 -0.58 4.14 4.87
C ARG A 262 -1.88 3.38 5.19
N VAL A 263 -2.42 2.70 4.18
CA VAL A 263 -3.70 2.01 4.33
C VAL A 263 -3.61 0.53 4.00
N THR A 264 -4.12 -0.31 4.89
CA THR A 264 -4.48 -1.68 4.50
C THR A 264 -5.96 -1.85 4.72
N LEU A 265 -6.63 -2.48 3.77
CA LEU A 265 -8.08 -2.73 3.81
C LEU A 265 -8.34 -4.21 3.66
N GLU A 266 -9.07 -4.77 4.61
CA GLU A 266 -9.57 -6.14 4.54
C GLU A 266 -11.09 -6.07 4.52
N LEU A 267 -11.69 -6.27 3.35
CA LEU A 267 -13.10 -5.93 3.11
C LEU A 267 -14.02 -7.14 2.85
N GLY A 268 -15.18 -6.88 2.26
CA GLY A 268 -16.17 -7.91 2.05
C GLY A 268 -15.86 -8.95 1.00
N GLY A 269 -16.83 -9.85 0.87
CA GLY A 269 -16.72 -10.96 -0.05
C GLY A 269 -18.06 -11.51 -0.51
N LYS A 270 -18.00 -12.20 -1.62
CA LYS A 270 -19.07 -13.00 -2.18
C LYS A 270 -18.41 -14.22 -2.84
N SER A 271 -17.72 -14.97 -2.00
CA SER A 271 -16.78 -16.02 -2.45
C SER A 271 -17.48 -17.30 -2.94
N PRO A 272 -17.03 -17.85 -4.10
CA PRO A 272 -17.64 -19.05 -4.64
C PRO A 272 -16.92 -20.34 -4.26
N SER A 273 -17.70 -21.34 -3.87
CA SER A 273 -17.24 -22.71 -3.84
C SER A 273 -17.76 -23.38 -5.12
N ILE A 274 -16.88 -24.08 -5.82
CA ILE A 274 -17.13 -24.61 -7.15
C ILE A 274 -16.91 -26.13 -7.09
N VAL A 275 -17.99 -26.90 -7.30
CA VAL A 275 -17.97 -28.36 -7.19
C VAL A 275 -18.10 -28.99 -8.58
N LEU A 276 -17.02 -29.65 -8.99
CA LEU A 276 -16.96 -30.41 -10.23
C LEU A 276 -17.53 -31.85 -10.05
N ALA A 277 -17.86 -32.45 -11.18
CA ALA A 277 -18.58 -33.75 -11.24
C ALA A 277 -17.76 -34.93 -10.71
N ASP A 278 -16.43 -34.85 -10.80
CA ASP A 278 -15.55 -35.86 -10.22
C ASP A 278 -15.17 -35.65 -8.73
N ALA A 279 -15.71 -34.63 -8.07
CA ALA A 279 -15.49 -34.43 -6.64
C ALA A 279 -16.09 -35.55 -5.79
N ASP A 280 -15.54 -35.79 -4.60
CA ASP A 280 -16.15 -36.68 -3.64
C ASP A 280 -17.38 -35.94 -3.10
N MET A 281 -18.56 -36.50 -3.40
CA MET A 281 -19.85 -35.91 -3.11
C MET A 281 -20.02 -35.58 -1.63
N GLU A 282 -19.91 -36.58 -0.76
CA GLU A 282 -20.19 -36.39 0.67
C GLU A 282 -19.28 -35.30 1.25
N HIS A 283 -18.00 -35.38 0.89
CA HIS A 283 -17.02 -34.41 1.31
C HIS A 283 -17.34 -32.99 0.81
N ALA A 284 -17.63 -32.86 -0.49
CA ALA A 284 -17.90 -31.55 -1.09
C ALA A 284 -19.17 -30.93 -0.47
N VAL A 285 -20.22 -31.74 -0.29
CA VAL A 285 -21.46 -31.31 0.34
C VAL A 285 -21.20 -30.78 1.74
N GLU A 286 -20.48 -31.56 2.54
CA GLU A 286 -20.13 -31.16 3.91
C GLU A 286 -19.30 -29.86 3.94
N GLN A 287 -18.27 -29.80 3.08
CA GLN A 287 -17.35 -28.68 3.06
C GLN A 287 -18.05 -27.37 2.66
N CYS A 288 -18.90 -27.43 1.64
CA CYS A 288 -19.66 -26.29 1.14
C CYS A 288 -20.71 -25.86 2.12
N HIS A 289 -21.29 -26.83 2.81
CA HIS A 289 -22.21 -26.52 3.88
C HIS A 289 -21.54 -25.67 4.99
N GLU A 290 -20.45 -26.19 5.56
CA GLU A 290 -19.70 -25.42 6.56
C GLU A 290 -19.10 -24.12 5.99
N ALA A 291 -18.74 -24.14 4.71
CA ALA A 291 -18.16 -22.96 4.07
C ALA A 291 -19.10 -21.76 4.13
N LEU A 292 -20.41 -22.01 4.13
CA LEU A 292 -21.40 -20.95 4.27
C LEU A 292 -21.81 -20.79 5.73
N PHE A 293 -22.22 -21.88 6.37
CA PHE A 293 -22.82 -21.81 7.71
C PHE A 293 -21.87 -21.52 8.87
N PHE A 294 -20.56 -21.68 8.68
CA PHE A 294 -19.61 -21.35 9.74
C PHE A 294 -19.86 -19.96 10.34
N ASN A 295 -19.83 -19.86 11.67
CA ASN A 295 -20.06 -18.61 12.40
C ASN A 295 -21.36 -17.90 12.02
N MET A 296 -22.43 -18.69 11.85
CA MET A 296 -23.78 -18.20 11.51
C MET A 296 -23.82 -17.40 10.20
N GLY A 297 -22.98 -17.80 9.26
CA GLY A 297 -22.79 -17.06 8.00
C GLY A 297 -22.11 -15.69 8.11
N GLN A 298 -21.58 -15.36 9.28
CA GLN A 298 -20.99 -14.05 9.53
C GLN A 298 -19.47 -14.16 9.38
N CYS A 299 -19.04 -14.64 8.22
CA CYS A 299 -17.62 -14.84 7.90
C CYS A 299 -17.38 -14.11 6.61
N CYS A 300 -16.37 -13.26 6.59
CA CYS A 300 -15.99 -12.52 5.38
C CYS A 300 -15.72 -13.38 4.18
N CYS A 301 -15.01 -14.48 4.39
CA CYS A 301 -14.69 -15.38 3.26
C CYS A 301 -15.64 -16.58 3.12
N ALA A 302 -16.84 -16.49 3.73
CA ALA A 302 -17.94 -17.47 3.56
C ALA A 302 -18.11 -17.91 2.11
N GLY A 303 -18.19 -19.22 1.88
CA GLY A 303 -18.59 -19.79 0.57
C GLY A 303 -20.06 -19.51 0.25
N SER A 304 -20.32 -18.25 -0.09
CA SER A 304 -21.67 -17.69 -0.18
C SER A 304 -22.36 -17.74 -1.55
N ARG A 305 -21.72 -18.42 -2.50
CA ARG A 305 -22.28 -18.87 -3.78
C ARG A 305 -21.72 -20.26 -4.04
N THR A 306 -22.58 -21.26 -4.02
CA THR A 306 -22.16 -22.64 -4.27
C THR A 306 -22.51 -23.00 -5.68
N PHE A 307 -21.50 -23.15 -6.54
CA PHE A 307 -21.63 -23.54 -7.93
C PHE A 307 -21.42 -25.05 -8.06
N VAL A 308 -22.37 -25.75 -8.67
CA VAL A 308 -22.36 -27.21 -8.77
C VAL A 308 -22.63 -27.62 -10.21
N GLU A 309 -21.79 -28.52 -10.71
CA GLU A 309 -21.85 -29.00 -12.10
C GLU A 309 -23.19 -29.73 -12.36
N GLU A 310 -23.77 -29.50 -13.54
CA GLU A 310 -25.16 -29.94 -13.87
C GLU A 310 -25.43 -31.39 -13.49
N SER A 311 -24.52 -32.28 -13.87
CA SER A 311 -24.70 -33.70 -13.74
C SER A 311 -24.79 -34.26 -12.32
N ILE A 312 -24.35 -33.49 -11.32
CA ILE A 312 -24.45 -33.89 -9.90
C ILE A 312 -25.33 -32.97 -9.04
N TYR A 313 -25.94 -31.97 -9.69
CA TYR A 313 -26.64 -30.88 -9.02
C TYR A 313 -27.81 -31.33 -8.14
N ASN A 314 -28.65 -32.22 -8.67
CA ASN A 314 -29.87 -32.67 -7.96
C ASN A 314 -29.53 -33.38 -6.67
N GLU A 315 -28.62 -34.34 -6.76
CA GLU A 315 -28.13 -35.04 -5.59
C GLU A 315 -27.45 -34.09 -4.60
N PHE A 316 -26.61 -33.18 -5.10
CA PHE A 316 -25.92 -32.21 -4.23
C PHE A 316 -26.91 -31.36 -3.46
N LEU A 317 -27.87 -30.83 -4.23
CA LEU A 317 -28.92 -29.99 -3.67
C LEU A 317 -29.63 -30.70 -2.52
N GLU A 318 -30.10 -31.92 -2.78
CA GLU A 318 -30.85 -32.70 -1.79
C GLU A 318 -30.02 -32.97 -0.54
N ARG A 319 -28.75 -33.29 -0.71
CA ARG A 319 -27.87 -33.50 0.46
C ARG A 319 -27.60 -32.20 1.22
N THR A 320 -27.46 -31.10 0.48
CA THR A 320 -27.25 -29.77 1.07
C THR A 320 -28.48 -29.35 1.92
N VAL A 321 -29.67 -29.53 1.36
CA VAL A 321 -30.91 -29.29 2.13
C VAL A 321 -30.97 -30.06 3.43
N GLU A 322 -30.78 -31.37 3.35
CA GLU A 322 -30.80 -32.22 4.52
C GLU A 322 -29.80 -31.71 5.59
N LYS A 323 -28.61 -31.32 5.13
CA LYS A 323 -27.56 -30.87 6.02
C LYS A 323 -27.97 -29.56 6.71
N ALA A 324 -28.58 -28.66 5.94
CA ALA A 324 -29.15 -27.43 6.55
C ALA A 324 -30.22 -27.75 7.59
N LYS A 325 -31.13 -28.67 7.25
CA LYS A 325 -32.18 -29.09 8.22
C LYS A 325 -31.63 -29.78 9.47
N GLN A 326 -30.48 -30.43 9.36
CA GLN A 326 -29.81 -31.09 10.53
C GLN A 326 -28.99 -30.20 11.47
N ARG A 327 -28.63 -28.99 11.06
CA ARG A 327 -27.71 -28.17 11.84
C ARG A 327 -28.39 -27.75 13.14
N LYS A 328 -27.76 -28.04 14.28
CA LYS A 328 -28.37 -27.67 15.56
C LYS A 328 -28.29 -26.15 15.82
N VAL A 329 -29.45 -25.53 15.80
CA VAL A 329 -29.63 -24.14 16.14
C VAL A 329 -30.03 -24.04 17.60
N GLY A 330 -29.39 -23.16 18.36
CA GLY A 330 -29.82 -22.92 19.73
C GLY A 330 -28.85 -22.19 20.62
N ASN A 331 -29.02 -22.40 21.92
CA ASN A 331 -28.23 -21.70 22.93
C ASN A 331 -26.74 -22.00 22.71
N PRO A 332 -25.92 -20.95 22.47
CA PRO A 332 -24.53 -21.24 22.12
C PRO A 332 -23.65 -21.80 23.25
N PHE A 333 -24.09 -21.66 24.50
CA PHE A 333 -23.40 -22.26 25.64
C PHE A 333 -23.59 -23.78 25.75
N GLU A 334 -24.54 -24.34 25.00
CA GLU A 334 -24.68 -25.80 24.91
C GLU A 334 -23.62 -26.33 23.97
N LEU A 335 -22.89 -27.35 24.41
CA LEU A 335 -21.70 -27.82 23.73
C LEU A 335 -21.92 -28.36 22.33
N ASP A 336 -23.13 -28.80 22.02
CA ASP A 336 -23.41 -29.32 20.67
C ASP A 336 -24.11 -28.31 19.77
N THR A 337 -24.37 -27.10 20.24
CA THR A 337 -24.97 -26.10 19.37
C THR A 337 -23.97 -25.83 18.24
N GLN A 338 -24.49 -25.80 17.01
CA GLN A 338 -23.71 -25.47 15.82
C GLN A 338 -23.99 -24.07 15.27
N GLN A 339 -25.15 -23.52 15.59
CA GLN A 339 -25.54 -22.20 15.10
C GLN A 339 -26.15 -21.40 16.22
N GLY A 340 -25.47 -20.33 16.59
CA GLY A 340 -25.96 -19.38 17.58
C GLY A 340 -26.86 -18.34 16.91
N PRO A 341 -27.13 -17.24 17.60
CA PRO A 341 -27.91 -16.19 17.01
C PRO A 341 -27.03 -15.26 16.17
N GLN A 342 -27.66 -14.46 15.32
CA GLN A 342 -27.00 -13.31 14.67
C GLN A 342 -26.65 -12.27 15.71
N VAL A 343 -25.74 -11.35 15.36
CA VAL A 343 -25.07 -10.53 16.39
C VAL A 343 -25.94 -9.49 17.10
N ASP A 344 -26.91 -8.96 16.40
CA ASP A 344 -27.80 -7.93 16.95
C ASP A 344 -29.08 -7.84 16.12
N LYS A 345 -30.01 -7.02 16.59
CA LYS A 345 -31.27 -6.76 15.90
C LYS A 345 -31.09 -6.32 14.46
N GLU A 346 -30.17 -5.39 14.20
CA GLU A 346 -30.01 -4.85 12.83
C GLU A 346 -29.53 -5.95 11.86
N GLN A 347 -28.51 -6.70 12.26
CA GLN A 347 -28.04 -7.79 11.41
C GLN A 347 -29.13 -8.87 11.16
N PHE A 348 -29.77 -9.29 12.25
CA PHE A 348 -30.94 -10.19 12.20
C PHE A 348 -31.98 -9.77 11.13
N GLU A 349 -32.46 -8.53 11.23
CA GLU A 349 -33.47 -8.02 10.28
C GLU A 349 -32.94 -7.87 8.86
N ARG A 350 -31.67 -7.48 8.71
CA ARG A 350 -31.03 -7.45 7.39
C ARG A 350 -31.06 -8.82 6.69
N VAL A 351 -30.72 -9.87 7.45
CA VAL A 351 -30.72 -11.21 6.87
C VAL A 351 -32.16 -11.68 6.51
N LEU A 352 -33.14 -11.45 7.38
CA LEU A 352 -34.55 -11.77 7.02
C LEU A 352 -35.01 -10.99 5.81
N GLY A 353 -34.60 -9.73 5.71
CA GLY A 353 -34.90 -8.92 4.52
C GLY A 353 -34.36 -9.54 3.25
N TYR A 354 -33.11 -10.04 3.31
CA TYR A 354 -32.53 -10.77 2.16
C TYR A 354 -33.25 -12.07 1.84
N ILE A 355 -33.69 -12.78 2.89
CA ILE A 355 -34.52 -13.98 2.68
C ILE A 355 -35.83 -13.63 1.96
N GLN A 356 -36.48 -12.57 2.39
CA GLN A 356 -37.71 -12.09 1.73
C GLN A 356 -37.40 -11.69 0.29
N LEU A 357 -36.33 -10.92 0.11
CA LEU A 357 -35.89 -10.49 -1.21
C LEU A 357 -35.59 -11.62 -2.18
N GLY A 358 -34.90 -12.67 -1.70
CA GLY A 358 -34.62 -13.84 -2.55
C GLY A 358 -35.88 -14.46 -3.19
N GLN A 359 -36.92 -14.62 -2.38
CA GLN A 359 -38.19 -15.20 -2.90
C GLN A 359 -38.93 -14.24 -3.85
N LYS A 360 -38.97 -12.94 -3.56
CA LYS A 360 -39.54 -11.95 -4.51
C LYS A 360 -38.84 -12.00 -5.89
N GLU A 361 -37.51 -12.19 -5.88
CA GLU A 361 -36.71 -12.28 -7.12
C GLU A 361 -36.92 -13.58 -7.90
N GLY A 362 -37.60 -14.55 -7.31
CA GLY A 362 -37.92 -15.79 -7.97
C GLY A 362 -37.03 -16.95 -7.63
N ALA A 363 -36.12 -16.77 -6.66
CA ALA A 363 -35.36 -17.88 -6.14
C ALA A 363 -36.30 -18.78 -5.34
N LYS A 364 -36.01 -20.07 -5.34
CA LYS A 364 -36.79 -21.12 -4.69
C LYS A 364 -36.31 -21.40 -3.24
N LEU A 365 -37.15 -21.07 -2.26
CA LEU A 365 -36.86 -21.41 -0.87
C LEU A 365 -37.00 -22.93 -0.66
N LEU A 366 -35.91 -23.57 -0.24
CA LEU A 366 -35.87 -25.03 -0.07
C LEU A 366 -36.03 -25.45 1.39
N CYS A 367 -35.64 -24.61 2.34
CA CYS A 367 -35.80 -24.90 3.77
C CYS A 367 -35.54 -23.65 4.57
N GLY A 368 -35.91 -23.67 5.85
CA GLY A 368 -35.77 -22.51 6.73
C GLY A 368 -36.59 -21.31 6.28
N GLY A 369 -35.95 -20.15 6.23
CA GLY A 369 -36.57 -18.94 5.68
C GLY A 369 -37.31 -18.06 6.66
N GLU A 370 -37.08 -18.26 7.95
CA GLU A 370 -37.76 -17.43 8.95
C GLU A 370 -37.01 -17.50 10.26
N ARG A 371 -37.46 -16.67 11.19
CA ARG A 371 -36.99 -16.74 12.57
C ARG A 371 -37.10 -18.15 13.20
N PHE A 372 -36.10 -18.50 14.02
CA PHE A 372 -36.09 -19.70 14.86
C PHE A 372 -36.46 -19.29 16.27
N GLY A 373 -37.64 -19.71 16.74
CA GLY A 373 -38.13 -19.30 18.08
C GLY A 373 -38.51 -17.84 18.12
N GLU A 374 -38.65 -17.30 19.32
CA GLU A 374 -39.19 -15.96 19.51
C GLU A 374 -38.45 -15.11 20.49
N ARG A 375 -37.25 -15.55 20.87
CA ARG A 375 -36.34 -14.78 21.71
C ARG A 375 -34.96 -14.79 21.06
N GLY A 376 -34.22 -13.72 21.27
CA GLY A 376 -32.89 -13.56 20.67
C GLY A 376 -32.99 -13.38 19.18
N PHE A 377 -31.86 -13.53 18.50
CA PHE A 377 -31.74 -13.19 17.09
C PHE A 377 -31.38 -14.41 16.25
N PHE A 378 -32.22 -15.44 16.34
CA PHE A 378 -31.99 -16.70 15.68
C PHE A 378 -32.74 -16.82 14.37
N ILE A 379 -32.07 -17.38 13.37
CA ILE A 379 -32.63 -17.57 12.05
C ILE A 379 -32.45 -19.01 11.66
N LYS A 380 -33.47 -19.58 11.03
CA LYS A 380 -33.40 -20.94 10.51
C LYS A 380 -32.41 -21.03 9.32
N PRO A 381 -31.50 -22.03 9.36
CA PRO A 381 -30.62 -22.32 8.24
C PRO A 381 -31.44 -22.37 6.97
N THR A 382 -31.02 -21.62 5.97
CA THR A 382 -31.82 -21.40 4.78
C THR A 382 -31.00 -21.70 3.52
N VAL A 383 -31.63 -22.40 2.58
CA VAL A 383 -31.00 -22.76 1.31
C VAL A 383 -31.91 -22.33 0.18
N PHE A 384 -31.34 -21.73 -0.86
CA PHE A 384 -32.07 -21.31 -2.06
C PHE A 384 -31.53 -22.08 -3.21
N GLY A 385 -32.45 -22.63 -3.99
CA GLY A 385 -32.16 -23.27 -5.28
C GLY A 385 -32.56 -22.41 -6.46
N GLY A 386 -32.06 -22.79 -7.63
CA GLY A 386 -32.34 -22.05 -8.87
C GLY A 386 -31.99 -20.56 -8.82
N VAL A 387 -30.85 -20.22 -8.22
CA VAL A 387 -30.43 -18.83 -8.12
C VAL A 387 -29.75 -18.41 -9.42
N GLN A 388 -29.99 -17.17 -9.86
CA GLN A 388 -29.41 -16.59 -11.10
C GLN A 388 -28.43 -15.45 -10.74
N ASP A 389 -27.45 -15.24 -11.63
CA ASP A 389 -26.34 -14.31 -11.36
C ASP A 389 -26.81 -12.85 -11.25
N ASP A 390 -27.92 -12.52 -11.90
CA ASP A 390 -28.50 -11.17 -11.83
C ASP A 390 -29.35 -10.86 -10.58
N MET A 391 -29.67 -11.87 -9.76
CA MET A 391 -30.42 -11.62 -8.53
C MET A 391 -29.57 -10.91 -7.47
N ARG A 392 -30.21 -10.01 -6.70
CA ARG A 392 -29.56 -9.34 -5.57
C ARG A 392 -28.93 -10.33 -4.59
N ILE A 393 -29.59 -11.46 -4.31
CA ILE A 393 -29.03 -12.45 -3.37
C ILE A 393 -27.79 -13.18 -3.93
N ALA A 394 -27.59 -13.09 -5.24
CA ALA A 394 -26.39 -13.57 -5.90
C ALA A 394 -25.18 -12.61 -5.91
N LYS A 395 -25.46 -11.33 -5.72
CA LYS A 395 -24.46 -10.26 -5.89
C LYS A 395 -24.04 -9.65 -4.58
N GLU A 396 -24.96 -9.56 -3.62
CA GLU A 396 -24.73 -8.78 -2.41
C GLU A 396 -24.36 -9.68 -1.25
N GLU A 397 -23.57 -9.12 -0.33
CA GLU A 397 -23.12 -9.83 0.86
C GLU A 397 -24.25 -9.94 1.91
N ILE A 398 -24.85 -11.13 2.01
CA ILE A 398 -25.97 -11.34 2.96
C ILE A 398 -25.49 -11.36 4.41
N PHE A 399 -24.41 -12.10 4.64
CA PHE A 399 -23.73 -12.16 5.94
C PHE A 399 -24.64 -12.86 6.96
N GLY A 400 -25.28 -13.92 6.52
CA GLY A 400 -26.17 -14.72 7.40
C GLY A 400 -26.23 -16.15 6.92
N PRO A 401 -27.01 -17.00 7.61
CA PRO A 401 -27.08 -18.43 7.26
C PRO A 401 -28.03 -18.70 6.10
N VAL A 402 -27.64 -18.19 4.93
CA VAL A 402 -28.41 -18.31 3.69
C VAL A 402 -27.49 -18.82 2.63
N GLN A 403 -27.78 -20.02 2.11
CA GLN A 403 -26.91 -20.66 1.13
C GLN A 403 -27.59 -20.75 -0.25
N PRO A 404 -27.15 -19.93 -1.21
CA PRO A 404 -27.66 -20.02 -2.57
C PRO A 404 -26.86 -20.98 -3.45
N LEU A 405 -27.60 -21.80 -4.21
CA LEU A 405 -27.03 -22.82 -5.08
C LEU A 405 -27.22 -22.42 -6.51
N PHE A 406 -26.20 -22.74 -7.32
CA PHE A 406 -26.09 -22.32 -8.69
C PHE A 406 -25.72 -23.56 -9.48
N LYS A 407 -26.18 -23.61 -10.73
CA LYS A 407 -25.95 -24.72 -11.66
C LYS A 407 -25.03 -24.20 -12.75
N PHE A 408 -24.00 -24.97 -13.14
CA PHE A 408 -23.22 -24.66 -14.33
C PHE A 408 -22.95 -25.93 -15.14
N LYS A 409 -22.45 -25.72 -16.36
CA LYS A 409 -22.16 -26.81 -17.31
C LYS A 409 -20.69 -26.90 -17.73
N LYS A 410 -20.07 -25.76 -18.03
CA LYS A 410 -18.68 -25.74 -18.49
C LYS A 410 -17.73 -25.07 -17.50
N ILE A 411 -16.46 -25.46 -17.55
CA ILE A 411 -15.40 -24.84 -16.74
C ILE A 411 -15.23 -23.37 -17.08
N GLU A 412 -15.21 -23.05 -18.38
CA GLU A 412 -14.99 -21.67 -18.84
C GLU A 412 -16.15 -20.79 -18.41
N GLU A 413 -17.34 -21.38 -18.32
CA GLU A 413 -18.53 -20.69 -17.83
C GLU A 413 -18.40 -20.36 -16.35
N VAL A 414 -18.13 -21.37 -15.53
CA VAL A 414 -18.11 -21.17 -14.10
C VAL A 414 -16.96 -20.23 -13.67
N VAL A 415 -15.86 -20.22 -14.40
CA VAL A 415 -14.77 -19.27 -14.12
C VAL A 415 -15.24 -17.83 -14.31
N GLU A 416 -15.88 -17.57 -15.45
CA GLU A 416 -16.45 -16.24 -15.78
C GLU A 416 -17.49 -15.81 -14.75
N ARG A 417 -18.39 -16.73 -14.40
CA ARG A 417 -19.45 -16.41 -13.43
C ARG A 417 -18.89 -16.17 -12.01
N ALA A 418 -17.98 -17.02 -11.57
CA ALA A 418 -17.28 -16.81 -10.29
C ALA A 418 -16.58 -15.45 -10.23
N ASN A 419 -15.87 -15.13 -11.33
CA ASN A 419 -15.05 -13.92 -11.40
C ASN A 419 -15.82 -12.63 -11.64
N ASN A 420 -17.07 -12.72 -12.09
CA ASN A 420 -17.89 -11.56 -12.45
C ASN A 420 -18.52 -10.91 -11.20
N THR A 421 -17.67 -10.31 -10.41
CA THR A 421 -18.05 -9.59 -9.20
C THR A 421 -16.94 -8.59 -8.91
N ARG A 422 -17.28 -7.53 -8.19
CA ARG A 422 -16.26 -6.57 -7.73
C ARG A 422 -15.53 -7.11 -6.49
N TYR A 423 -16.06 -8.18 -5.89
CA TYR A 423 -15.44 -8.84 -4.76
C TYR A 423 -14.32 -9.79 -5.22
N GLY A 424 -13.47 -10.21 -4.29
CA GLY A 424 -12.36 -11.13 -4.66
C GLY A 424 -11.54 -11.66 -3.51
N LEU A 425 -12.21 -11.99 -2.40
CA LEU A 425 -11.49 -12.35 -1.20
C LEU A 425 -11.02 -13.82 -1.22
N ALA A 426 -11.93 -14.72 -1.59
CA ALA A 426 -11.64 -16.16 -1.57
C ALA A 426 -12.40 -16.91 -2.64
N ALA A 427 -11.99 -18.15 -2.86
CA ALA A 427 -12.72 -19.08 -3.70
C ALA A 427 -12.25 -20.48 -3.39
N ALA A 428 -13.08 -21.47 -3.72
CA ALA A 428 -12.72 -22.87 -3.61
C ALA A 428 -13.20 -23.72 -4.80
N VAL A 429 -12.42 -24.76 -5.09
CA VAL A 429 -12.77 -25.78 -6.08
C VAL A 429 -12.63 -27.17 -5.46
N PHE A 430 -13.58 -28.04 -5.78
CA PHE A 430 -13.62 -29.41 -5.29
C PHE A 430 -13.53 -30.31 -6.49
N THR A 431 -12.42 -31.04 -6.58
CA THR A 431 -12.18 -31.92 -7.70
C THR A 431 -11.07 -32.92 -7.37
N ARG A 432 -11.05 -33.99 -8.16
CA ARG A 432 -10.09 -35.07 -8.04
C ARG A 432 -8.99 -34.93 -9.07
N ASP A 433 -9.23 -34.10 -10.08
CA ASP A 433 -8.38 -34.06 -11.25
C ASP A 433 -7.31 -33.02 -11.07
N LEU A 434 -6.06 -33.43 -11.30
CA LEU A 434 -4.91 -32.57 -11.14
C LEU A 434 -4.96 -31.34 -12.03
N ASP A 435 -5.18 -31.54 -13.33
CA ASP A 435 -5.19 -30.45 -14.31
C ASP A 435 -6.29 -29.40 -14.06
N LYS A 436 -7.46 -29.86 -13.67
CA LYS A 436 -8.55 -28.97 -13.31
C LYS A 436 -8.24 -28.16 -12.05
N ALA A 437 -7.73 -28.80 -11.00
CA ALA A 437 -7.28 -28.04 -9.81
C ALA A 437 -6.26 -26.96 -10.19
N MET A 438 -5.22 -27.34 -10.92
CA MET A 438 -4.19 -26.39 -11.35
C MET A 438 -4.78 -25.23 -12.16
N TYR A 439 -5.70 -25.54 -13.07
CA TYR A 439 -6.31 -24.48 -13.89
C TYR A 439 -7.09 -23.46 -13.03
N PHE A 440 -7.98 -23.95 -12.16
CA PHE A 440 -8.73 -23.06 -11.27
C PHE A 440 -7.84 -22.18 -10.34
N THR A 441 -6.74 -22.72 -9.85
CA THR A 441 -5.85 -21.92 -8.98
C THR A 441 -5.26 -20.73 -9.75
N GLN A 442 -5.12 -20.88 -11.07
CA GLN A 442 -4.71 -19.76 -11.93
C GLN A 442 -5.84 -18.78 -12.31
N ALA A 443 -7.02 -19.31 -12.61
CA ALA A 443 -8.08 -18.57 -13.30
C ALA A 443 -8.99 -17.77 -12.35
N LEU A 444 -9.16 -18.26 -11.12
CA LEU A 444 -9.98 -17.58 -10.13
C LEU A 444 -9.30 -16.33 -9.61
N GLN A 445 -10.03 -15.22 -9.67
CA GLN A 445 -9.54 -13.92 -9.25
C GLN A 445 -9.86 -13.73 -7.80
N ALA A 446 -9.10 -14.41 -6.94
CA ALA A 446 -9.31 -14.37 -5.49
C ALA A 446 -7.99 -14.35 -4.77
N GLY A 447 -7.93 -13.68 -3.62
CA GLY A 447 -6.75 -13.68 -2.75
C GLY A 447 -6.31 -15.03 -2.20
N THR A 448 -7.29 -15.86 -1.87
CA THR A 448 -7.08 -17.24 -1.46
C THR A 448 -7.92 -18.18 -2.33
N VAL A 449 -7.28 -19.21 -2.86
CA VAL A 449 -7.98 -20.30 -3.53
C VAL A 449 -7.73 -21.57 -2.76
N TRP A 450 -8.81 -22.18 -2.25
CA TRP A 450 -8.75 -23.47 -1.62
C TRP A 450 -9.03 -24.58 -2.63
N VAL A 451 -8.33 -25.71 -2.49
CA VAL A 451 -8.61 -26.91 -3.30
C VAL A 451 -8.97 -28.06 -2.35
N ASN A 452 -10.22 -28.54 -2.48
CA ASN A 452 -10.78 -29.63 -1.65
C ASN A 452 -10.83 -29.35 -0.16
N THR A 453 -10.96 -28.08 0.17
CA THR A 453 -11.17 -27.69 1.53
C THR A 453 -11.73 -26.28 1.46
N TYR A 454 -11.97 -25.70 2.63
CA TYR A 454 -12.49 -24.37 2.74
C TYR A 454 -12.12 -23.74 4.09
N ASN A 455 -12.02 -22.41 4.10
CA ASN A 455 -11.87 -21.65 5.36
C ASN A 455 -10.59 -21.95 6.16
N ILE A 456 -9.55 -22.45 5.51
CA ILE A 456 -8.31 -22.76 6.18
C ILE A 456 -7.40 -21.52 6.12
N VAL A 457 -7.60 -20.63 7.07
CA VAL A 457 -6.84 -19.39 7.19
C VAL A 457 -6.15 -19.42 8.53
N THR A 458 -4.83 -19.64 8.52
CA THR A 458 -4.04 -19.69 9.75
C THR A 458 -3.04 -18.52 9.81
N CYS A 459 -2.31 -18.44 10.93
CA CYS A 459 -1.25 -17.45 11.12
C CYS A 459 -0.19 -17.47 9.99
N HIS A 460 -0.01 -18.63 9.34
CA HIS A 460 0.98 -18.83 8.27
C HIS A 460 0.57 -18.26 6.90
N THR A 461 -0.72 -18.15 6.66
CA THR A 461 -1.25 -18.00 5.29
C THR A 461 -1.64 -16.55 4.98
N PRO A 462 -0.94 -15.89 4.03
CA PRO A 462 -1.38 -14.53 3.69
C PRO A 462 -2.83 -14.50 3.20
N PHE A 463 -3.54 -13.47 3.64
CA PHE A 463 -4.98 -13.36 3.44
C PHE A 463 -5.37 -11.95 3.07
N GLY A 464 -6.16 -11.80 2.03
CA GLY A 464 -6.65 -10.51 1.62
C GLY A 464 -7.28 -10.59 0.27
N GLY A 465 -7.83 -9.46 -0.15
CA GLY A 465 -8.65 -9.40 -1.34
C GLY A 465 -8.00 -8.93 -2.59
N PHE A 466 -8.48 -9.48 -3.71
CA PHE A 466 -8.35 -8.87 -5.00
C PHE A 466 -9.52 -7.87 -5.16
N LYS A 467 -9.37 -6.94 -6.09
CA LYS A 467 -10.42 -5.96 -6.41
C LYS A 467 -10.94 -5.23 -5.15
N GLU A 468 -12.25 -5.13 -4.97
CA GLU A 468 -12.82 -4.38 -3.85
C GLU A 468 -12.97 -5.15 -2.55
N SER A 469 -12.37 -6.34 -2.45
CA SER A 469 -12.30 -7.10 -1.19
C SER A 469 -11.10 -6.67 -0.33
N GLY A 470 -10.22 -5.86 -0.89
CA GLY A 470 -9.21 -5.22 -0.09
C GLY A 470 -8.01 -4.71 -0.83
N ASN A 471 -7.05 -4.23 -0.03
CA ASN A 471 -5.77 -3.63 -0.47
C ASN A 471 -4.77 -4.18 0.54
N GLY A 472 -3.81 -4.99 0.09
CA GLY A 472 -2.77 -5.53 0.97
C GLY A 472 -3.14 -6.88 1.56
N ARG A 473 -2.22 -7.41 2.37
CA ARG A 473 -2.37 -8.76 2.89
C ARG A 473 -2.06 -8.75 4.36
N GLU A 474 -2.76 -9.61 5.11
CA GLU A 474 -2.48 -9.84 6.50
C GLU A 474 -2.05 -11.28 6.66
N LEU A 475 -1.40 -11.57 7.77
CA LEU A 475 -0.88 -12.90 8.12
C LEU A 475 0.31 -13.39 7.27
N GLY A 476 0.99 -14.39 7.82
CA GLY A 476 2.25 -14.87 7.33
C GLY A 476 3.33 -13.81 7.37
N GLU A 477 4.41 -14.11 6.69
CA GLU A 477 5.51 -13.21 6.46
C GLU A 477 5.01 -12.00 5.72
N ASP A 478 4.18 -12.22 4.71
CA ASP A 478 3.69 -11.16 3.85
C ASP A 478 2.95 -10.08 4.64
N GLY A 479 2.29 -10.46 5.72
CA GLY A 479 1.60 -9.54 6.61
C GLY A 479 2.42 -8.61 7.46
N LEU A 480 3.71 -8.89 7.59
CA LEU A 480 4.64 -7.96 8.21
C LEU A 480 4.87 -6.68 7.38
N LYS A 481 4.72 -6.75 6.06
CA LYS A 481 5.13 -5.70 5.15
C LYS A 481 4.33 -4.42 5.33
N ALA A 482 3.06 -4.58 5.66
CA ALA A 482 2.19 -3.45 5.90
C ALA A 482 2.57 -2.65 7.13
N TYR A 483 3.31 -3.25 8.06
CA TYR A 483 3.69 -2.59 9.29
C TYR A 483 5.14 -2.12 9.29
N THR A 484 5.76 -2.10 8.10
CA THR A 484 7.16 -1.80 7.96
C THR A 484 7.32 -0.63 7.01
N GLU A 485 8.12 0.34 7.42
CA GLU A 485 8.58 1.42 6.55
C GLU A 485 10.08 1.15 6.21
N VAL A 486 10.38 1.03 4.93
CA VAL A 486 11.75 0.77 4.50
C VAL A 486 12.58 2.06 4.45
N LYS A 487 13.76 2.03 5.05
CA LYS A 487 14.74 3.11 4.94
C LYS A 487 15.96 2.54 4.24
N THR A 488 16.35 3.16 3.15
CA THR A 488 17.60 2.81 2.43
C THR A 488 18.71 3.69 2.97
N VAL A 489 19.81 3.09 3.37
CA VAL A 489 20.99 3.81 3.81
C VAL A 489 22.11 3.52 2.83
N THR A 490 22.70 4.59 2.32
CA THR A 490 23.75 4.52 1.36
C THR A 490 24.98 5.35 1.80
N ILE A 491 26.08 4.63 1.98
CA ILE A 491 27.29 5.16 2.60
C ILE A 491 28.44 5.09 1.61
N LYS A 492 29.05 6.23 1.37
CA LYS A 492 30.34 6.34 0.68
C LYS A 492 31.42 5.56 1.45
N VAL A 493 32.13 4.68 0.75
CA VAL A 493 33.22 3.87 1.35
C VAL A 493 34.51 4.09 0.54
N PRO A 494 35.69 3.85 1.16
CA PRO A 494 36.97 4.20 0.48
C PRO A 494 37.25 3.43 -0.81
N GLN A 495 37.08 2.11 -0.76
CA GLN A 495 37.05 1.30 -1.98
C GLN A 495 36.05 0.16 -1.84
N LYS A 496 35.55 -0.33 -2.96
CA LYS A 496 34.54 -1.39 -2.97
C LYS A 496 35.17 -2.64 -3.55
N ASN A 497 35.03 -3.74 -2.81
CA ASN A 497 35.31 -5.07 -3.33
C ASN A 497 34.10 -5.95 -3.15
N SER A 498 33.96 -6.91 -4.07
CA SER A 498 32.88 -7.89 -3.99
C SER A 498 32.96 -8.72 -2.69
N LEU B 6 30.19 13.84 -23.35
CA LEU B 6 31.41 13.66 -24.20
C LEU B 6 31.13 13.70 -25.72
N PRO B 7 30.16 12.92 -26.23
CA PRO B 7 29.79 13.07 -27.66
C PRO B 7 29.09 14.38 -28.00
N SER B 8 28.81 14.57 -29.29
CA SER B 8 28.32 15.85 -29.77
C SER B 8 26.79 15.83 -29.89
N PRO B 9 26.11 16.86 -29.32
CA PRO B 9 24.64 16.85 -29.34
C PRO B 9 24.05 17.14 -30.71
N ILE B 10 22.82 16.69 -30.91
CA ILE B 10 22.08 16.97 -32.13
C ILE B 10 21.26 18.22 -31.81
N LEU B 11 21.69 19.34 -32.39
CA LEU B 11 21.28 20.69 -31.92
C LEU B 11 19.83 21.06 -32.27
N ASN B 12 19.32 20.60 -33.41
CA ASN B 12 17.86 20.65 -33.67
C ASN B 12 17.41 19.43 -34.49
N PRO B 13 16.90 18.38 -33.80
CA PRO B 13 16.57 17.12 -34.44
C PRO B 13 15.13 17.03 -34.94
N ASP B 14 14.89 16.04 -35.79
CA ASP B 14 13.54 15.76 -36.32
C ASP B 14 12.72 15.15 -35.19
N ILE B 15 11.50 15.62 -35.02
CA ILE B 15 10.61 15.17 -33.97
C ILE B 15 9.35 14.60 -34.64
N PRO B 16 9.46 13.36 -35.16
CA PRO B 16 8.32 12.76 -35.84
C PRO B 16 7.14 12.37 -34.96
N TYR B 17 7.34 12.19 -33.66
CA TYR B 17 6.31 11.63 -32.77
C TYR B 17 5.72 12.69 -31.86
N ASN B 18 4.41 12.90 -32.01
CA ASN B 18 3.71 13.98 -31.32
C ASN B 18 2.22 13.68 -31.08
N GLN B 19 1.86 12.40 -31.11
CA GLN B 19 0.49 11.95 -30.94
C GLN B 19 0.43 10.96 -29.78
N LEU B 20 -0.78 10.56 -29.43
CA LEU B 20 -1.04 9.44 -28.50
C LEU B 20 -0.47 8.11 -29.01
N PHE B 21 -0.01 7.27 -28.09
CA PHE B 21 0.45 5.89 -28.41
C PHE B 21 -0.51 4.92 -27.73
N ILE B 22 -1.44 4.39 -28.51
CA ILE B 22 -2.45 3.47 -28.03
C ILE B 22 -2.45 2.23 -28.93
N ASN B 23 -2.41 1.06 -28.29
CA ASN B 23 -2.51 -0.21 -29.00
C ASN B 23 -1.44 -0.31 -30.11
N ASN B 24 -0.23 0.15 -29.80
CA ASN B 24 0.91 0.19 -30.74
C ASN B 24 0.70 1.03 -32.03
N GLU B 25 -0.26 1.96 -32.01
CA GLU B 25 -0.46 2.89 -33.12
C GLU B 25 -0.56 4.35 -32.67
N TRP B 26 -0.09 5.24 -33.54
CA TRP B 26 -0.08 6.67 -33.29
C TRP B 26 -1.42 7.24 -33.66
N GLN B 27 -2.02 8.00 -32.74
CA GLN B 27 -3.28 8.64 -33.07
C GLN B 27 -3.53 9.95 -32.37
N ASP B 28 -4.37 10.76 -32.99
CA ASP B 28 -4.81 12.02 -32.41
C ASP B 28 -5.73 11.74 -31.25
N ALA B 29 -5.97 12.76 -30.43
CA ALA B 29 -7.09 12.75 -29.51
C ALA B 29 -8.44 12.68 -30.25
N VAL B 30 -9.47 12.23 -29.54
CA VAL B 30 -10.85 12.20 -30.03
C VAL B 30 -11.28 13.57 -30.56
N SER B 31 -11.02 14.59 -29.74
CA SER B 31 -11.33 15.98 -30.02
C SER B 31 -10.42 16.67 -31.05
N LYS B 32 -9.33 16.00 -31.45
CA LYS B 32 -8.35 16.50 -32.44
C LYS B 32 -7.54 17.71 -31.95
N LYS B 33 -7.68 18.04 -30.67
CA LYS B 33 -6.99 19.17 -30.06
C LYS B 33 -5.52 18.86 -29.82
N THR B 34 -4.71 19.90 -29.85
CA THR B 34 -3.29 19.83 -29.55
C THR B 34 -2.92 20.84 -28.47
N PHE B 35 -1.69 20.76 -27.97
CA PHE B 35 -1.16 21.79 -27.08
C PHE B 35 0.31 21.98 -27.37
N PRO B 36 0.84 23.21 -27.11
CA PRO B 36 2.24 23.50 -27.38
C PRO B 36 3.16 22.99 -26.27
N THR B 37 4.34 22.53 -26.66
CA THR B 37 5.46 22.43 -25.72
C THR B 37 6.55 23.43 -26.12
N VAL B 38 7.17 24.01 -25.10
CA VAL B 38 8.16 25.08 -25.23
C VAL B 38 9.58 24.58 -24.99
N ASN B 39 10.52 25.21 -25.69
CA ASN B 39 11.95 25.08 -25.42
C ASN B 39 12.30 26.13 -24.38
N PRO B 40 12.60 25.71 -23.13
CA PRO B 40 12.81 26.71 -22.07
C PRO B 40 14.06 27.59 -22.19
N THR B 41 14.99 27.25 -23.07
CA THR B 41 16.20 28.10 -23.22
C THR B 41 15.92 29.33 -24.06
N THR B 42 15.13 29.14 -25.12
CA THR B 42 14.78 30.19 -26.07
C THR B 42 13.43 30.82 -25.80
N GLY B 43 12.62 30.18 -24.96
CA GLY B 43 11.22 30.61 -24.76
C GLY B 43 10.27 30.38 -25.91
N GLU B 44 10.73 29.73 -26.99
CA GLU B 44 9.93 29.54 -28.21
C GLU B 44 9.25 28.18 -28.21
N VAL B 45 8.15 28.09 -28.94
CA VAL B 45 7.39 26.84 -29.08
C VAL B 45 8.12 25.86 -30.00
N ILE B 46 8.34 24.63 -29.52
CA ILE B 46 8.98 23.57 -30.32
C ILE B 46 8.01 22.97 -31.34
N GLY B 47 6.78 22.76 -30.90
CA GLY B 47 5.78 22.10 -31.72
C GLY B 47 4.57 21.77 -30.88
N HIS B 48 3.60 21.14 -31.52
CA HIS B 48 2.35 20.77 -30.87
C HIS B 48 2.23 19.25 -30.71
N VAL B 49 1.46 18.86 -29.69
CA VAL B 49 1.31 17.48 -29.24
C VAL B 49 -0.17 17.19 -28.96
N ALA B 50 -0.62 15.97 -29.22
CA ALA B 50 -2.03 15.62 -29.01
C ALA B 50 -2.48 15.89 -27.57
N GLU B 51 -3.66 16.48 -27.41
CA GLU B 51 -4.22 16.77 -26.09
C GLU B 51 -5.22 15.71 -25.66
N GLY B 52 -4.71 14.67 -25.03
CA GLY B 52 -5.56 13.57 -24.54
C GLY B 52 -6.43 14.01 -23.39
N ASP B 53 -7.66 13.47 -23.34
CA ASP B 53 -8.63 13.72 -22.28
C ASP B 53 -9.25 12.37 -21.90
N ARG B 54 -10.41 12.37 -21.24
CA ARG B 54 -11.00 11.17 -20.65
C ARG B 54 -11.31 10.05 -21.67
N ALA B 55 -11.91 10.42 -22.78
CA ALA B 55 -12.21 9.45 -23.87
C ALA B 55 -10.96 8.76 -24.39
N ASP B 56 -9.85 9.49 -24.43
CA ASP B 56 -8.59 8.94 -24.93
C ASP B 56 -8.04 7.94 -23.90
N VAL B 57 -8.14 8.30 -22.63
CA VAL B 57 -7.78 7.42 -21.54
C VAL B 57 -8.62 6.14 -21.60
N ASP B 58 -9.92 6.28 -21.81
CA ASP B 58 -10.83 5.12 -21.93
C ASP B 58 -10.38 4.14 -23.03
N ARG B 59 -9.94 4.69 -24.15
CA ARG B 59 -9.40 3.91 -25.26
C ARG B 59 -8.13 3.13 -24.85
N ALA B 60 -7.24 3.82 -24.11
CA ALA B 60 -5.97 3.24 -23.66
C ALA B 60 -6.21 2.14 -22.63
N VAL B 61 -7.17 2.38 -21.75
CA VAL B 61 -7.52 1.40 -20.73
C VAL B 61 -8.12 0.15 -21.35
N LYS B 62 -9.01 0.30 -22.32
CA LYS B 62 -9.55 -0.87 -23.02
C LYS B 62 -8.42 -1.63 -23.70
N ALA B 63 -7.52 -0.92 -24.36
CA ALA B 63 -6.35 -1.56 -24.96
C ALA B 63 -5.47 -2.32 -23.94
N ALA B 64 -5.25 -1.71 -22.78
CA ALA B 64 -4.44 -2.34 -21.73
C ALA B 64 -5.16 -3.54 -21.14
N ARG B 65 -6.48 -3.39 -20.96
CA ARG B 65 -7.32 -4.45 -20.42
C ARG B 65 -7.29 -5.72 -21.29
N GLU B 66 -7.28 -5.55 -22.61
CA GLU B 66 -7.30 -6.65 -23.58
C GLU B 66 -5.93 -7.33 -23.71
N ALA B 67 -4.86 -6.54 -23.71
CA ALA B 67 -3.51 -7.06 -23.62
C ALA B 67 -3.26 -7.88 -22.33
N PHE B 68 -4.01 -7.62 -21.27
CA PHE B 68 -3.90 -8.34 -20.01
C PHE B 68 -4.83 -9.57 -19.84
N ARG B 69 -5.64 -9.86 -20.84
CA ARG B 69 -6.71 -10.86 -20.69
C ARG B 69 -6.08 -12.24 -20.48
N LEU B 70 -6.60 -13.00 -19.52
CA LEU B 70 -6.17 -14.40 -19.35
C LEU B 70 -6.11 -15.07 -20.73
N GLY B 71 -4.97 -15.65 -21.07
CA GLY B 71 -4.73 -16.25 -22.39
C GLY B 71 -4.15 -15.36 -23.48
N SER B 72 -3.89 -14.09 -23.14
CA SER B 72 -3.29 -13.11 -24.06
C SER B 72 -1.81 -13.47 -24.35
N PRO B 73 -1.24 -12.98 -25.47
CA PRO B 73 0.21 -13.16 -25.63
C PRO B 73 1.02 -12.74 -24.39
N TRP B 74 0.74 -11.54 -23.90
CA TRP B 74 1.49 -10.96 -22.80
C TRP B 74 1.34 -11.77 -21.53
N ARG B 75 0.13 -12.32 -21.30
CA ARG B 75 -0.11 -13.22 -20.15
C ARG B 75 0.51 -14.62 -20.29
N ARG B 76 0.54 -15.15 -21.51
CA ARG B 76 0.99 -16.53 -21.79
C ARG B 76 2.50 -16.66 -21.84
N MET B 77 3.11 -15.67 -22.48
CA MET B 77 4.56 -15.51 -22.61
C MET B 77 5.39 -15.84 -21.35
N ASP B 78 6.51 -16.51 -21.52
CA ASP B 78 7.41 -16.81 -20.41
C ASP B 78 7.84 -15.50 -19.74
N ALA B 79 7.95 -15.54 -18.43
CA ALA B 79 8.51 -14.40 -17.70
C ALA B 79 9.87 -13.99 -18.26
N SER B 80 10.69 -14.96 -18.65
CA SER B 80 11.99 -14.65 -19.27
C SER B 80 11.92 -13.94 -20.63
N GLU B 81 10.86 -14.14 -21.38
CA GLU B 81 10.62 -13.41 -22.64
C GLU B 81 10.26 -11.94 -22.37
N ARG B 82 9.52 -11.69 -21.29
CA ARG B 82 9.31 -10.29 -20.82
C ARG B 82 10.66 -9.61 -20.50
N GLY B 83 11.58 -10.36 -19.90
CA GLY B 83 12.94 -9.91 -19.68
C GLY B 83 13.70 -9.58 -20.95
N ARG B 84 13.67 -10.49 -21.91
CA ARG B 84 14.38 -10.30 -23.20
C ARG B 84 13.90 -9.03 -23.95
N LEU B 85 12.60 -8.75 -23.86
CA LEU B 85 11.99 -7.54 -24.41
C LEU B 85 12.49 -6.26 -23.74
N LEU B 86 12.58 -6.25 -22.42
CA LEU B 86 13.06 -5.08 -21.69
C LEU B 86 14.54 -4.86 -22.00
N ASN B 87 15.28 -5.94 -22.18
CA ASN B 87 16.68 -5.89 -22.49
C ASN B 87 16.94 -5.35 -23.91
N ARG B 88 16.06 -5.72 -24.84
CA ARG B 88 16.11 -5.25 -26.21
C ARG B 88 15.73 -3.78 -26.27
N LEU B 89 14.66 -3.41 -25.56
CA LEU B 89 14.35 -2.00 -25.33
C LEU B 89 15.58 -1.20 -24.89
N ALA B 90 16.35 -1.72 -23.95
CA ALA B 90 17.54 -1.02 -23.46
C ALA B 90 18.62 -0.88 -24.53
N ASP B 91 18.86 -1.97 -25.30
CA ASP B 91 19.72 -1.94 -26.51
C ASP B 91 19.33 -0.79 -27.42
N LEU B 92 18.04 -0.64 -27.66
CA LEU B 92 17.52 0.42 -28.56
C LEU B 92 17.70 1.82 -28.00
N VAL B 93 17.50 1.98 -26.70
CA VAL B 93 17.81 3.26 -26.03
C VAL B 93 19.31 3.61 -26.18
N GLU B 94 20.17 2.61 -26.02
CA GLU B 94 21.61 2.81 -26.15
C GLU B 94 22.03 3.19 -27.60
N ARG B 95 21.40 2.57 -28.59
CA ARG B 95 21.59 2.94 -30.00
C ARG B 95 21.18 4.41 -30.23
N ASP B 96 20.01 4.80 -29.73
CA ASP B 96 19.50 6.17 -29.92
C ASP B 96 19.81 7.16 -28.79
N ARG B 97 20.91 6.90 -28.08
CA ARG B 97 21.22 7.64 -26.87
C ARG B 97 21.45 9.14 -27.08
N VAL B 98 22.18 9.50 -28.14
CA VAL B 98 22.46 10.92 -28.42
C VAL B 98 21.17 11.66 -28.77
N TYR B 99 20.39 11.11 -29.69
CA TYR B 99 19.08 11.71 -30.06
C TYR B 99 18.17 11.95 -28.83
N LEU B 100 17.99 10.90 -28.01
CA LEU B 100 17.14 10.98 -26.80
C LEU B 100 17.64 12.03 -25.79
N ALA B 101 18.94 12.00 -25.50
CA ALA B 101 19.53 13.01 -24.60
C ALA B 101 19.40 14.45 -25.16
N SER B 102 19.50 14.57 -26.49
CA SER B 102 19.33 15.88 -27.17
C SER B 102 17.90 16.34 -27.06
N LEU B 103 16.98 15.43 -27.33
CA LEU B 103 15.57 15.71 -27.23
C LEU B 103 15.16 16.11 -25.81
N GLU B 104 15.77 15.45 -24.81
CA GLU B 104 15.50 15.75 -23.41
C GLU B 104 15.95 17.17 -23.07
N THR B 105 17.19 17.49 -23.41
CA THR B 105 17.73 18.83 -23.25
C THR B 105 16.88 19.89 -23.99
N LEU B 106 16.47 19.59 -25.21
CA LEU B 106 15.61 20.52 -25.96
C LEU B 106 14.36 20.87 -25.20
N ASP B 107 13.62 19.83 -24.79
CA ASP B 107 12.28 19.98 -24.22
C ASP B 107 12.24 20.38 -22.73
N ASN B 108 13.22 19.92 -21.96
CA ASN B 108 13.27 20.09 -20.50
C ASN B 108 14.20 21.22 -20.07
N GLY B 109 15.29 21.41 -20.80
CA GLY B 109 16.30 22.41 -20.49
C GLY B 109 17.54 21.91 -19.78
N LYS B 110 17.55 20.68 -19.30
CA LYS B 110 18.73 20.21 -18.55
C LYS B 110 19.98 20.16 -19.44
N PRO B 111 21.15 20.47 -18.86
CA PRO B 111 22.44 20.37 -19.56
C PRO B 111 22.64 19.02 -20.24
N PHE B 112 23.09 19.05 -21.49
CA PHE B 112 23.34 17.84 -22.28
C PHE B 112 24.37 16.90 -21.63
N GLN B 113 25.30 17.44 -20.84
CA GLN B 113 26.21 16.62 -20.04
C GLN B 113 25.45 15.79 -18.98
N GLU B 114 24.42 16.38 -18.38
CA GLU B 114 23.47 15.64 -17.51
C GLU B 114 22.63 14.61 -18.30
N SER B 115 21.90 15.07 -19.32
CA SER B 115 21.05 14.21 -20.16
C SER B 115 21.78 12.97 -20.66
N TYR B 116 22.96 13.19 -21.23
CA TYR B 116 23.70 12.13 -21.89
C TYR B 116 24.33 11.19 -20.88
N ALA B 117 25.10 11.77 -19.98
CA ALA B 117 25.94 10.97 -19.08
C ALA B 117 25.20 10.42 -17.85
N LEU B 118 24.15 11.08 -17.39
CA LEU B 118 23.49 10.65 -16.15
C LEU B 118 22.10 10.11 -16.40
N ASP B 119 21.22 10.94 -16.96
CA ASP B 119 19.83 10.54 -17.19
C ASP B 119 19.76 9.30 -18.08
N LEU B 120 20.28 9.40 -19.30
CA LEU B 120 20.28 8.28 -20.25
C LEU B 120 21.02 7.05 -19.73
N ASP B 121 22.08 7.24 -18.95
CA ASP B 121 22.75 6.13 -18.28
C ASP B 121 21.76 5.40 -17.35
N GLU B 122 20.99 6.15 -16.57
CA GLU B 122 20.03 5.55 -15.64
C GLU B 122 18.84 4.89 -16.35
N VAL B 123 18.37 5.47 -17.45
CA VAL B 123 17.29 4.90 -18.28
C VAL B 123 17.65 3.47 -18.76
N ILE B 124 18.84 3.35 -19.32
CA ILE B 124 19.36 2.10 -19.85
C ILE B 124 19.48 1.08 -18.72
N LYS B 125 20.12 1.48 -17.62
CA LYS B 125 20.30 0.63 -16.47
C LYS B 125 19.01 0.16 -15.79
N VAL B 126 17.97 1.00 -15.76
CA VAL B 126 16.71 0.59 -15.13
C VAL B 126 16.02 -0.46 -15.95
N TYR B 127 16.02 -0.30 -17.28
CA TYR B 127 15.42 -1.29 -18.15
C TYR B 127 16.22 -2.62 -18.06
N ARG B 128 17.55 -2.56 -18.13
CA ARG B 128 18.37 -3.77 -17.97
C ARG B 128 18.22 -4.46 -16.60
N TYR B 129 18.07 -3.67 -15.53
CA TYR B 129 17.99 -4.19 -14.18
C TYR B 129 16.69 -4.96 -13.99
N PHE B 130 15.57 -4.33 -14.33
CA PHE B 130 14.30 -5.05 -14.19
C PHE B 130 14.08 -6.18 -15.20
N ALA B 131 14.70 -6.09 -16.37
CA ALA B 131 14.79 -7.25 -17.28
C ALA B 131 15.22 -8.55 -16.53
N GLY B 132 16.20 -8.41 -15.65
CA GLY B 132 16.71 -9.52 -14.85
C GLY B 132 15.76 -10.02 -13.78
N TRP B 133 14.89 -9.15 -13.26
CA TRP B 133 13.96 -9.54 -12.22
C TRP B 133 12.80 -10.39 -12.71
N ALA B 134 12.47 -10.29 -13.99
CA ALA B 134 11.25 -10.85 -14.52
C ALA B 134 11.02 -12.29 -14.16
N ASP B 135 12.04 -13.11 -14.36
CA ASP B 135 12.00 -14.55 -14.05
C ASP B 135 12.67 -14.96 -12.72
N LYS B 136 12.85 -14.01 -11.80
CA LYS B 136 13.48 -14.24 -10.49
C LYS B 136 12.62 -13.83 -9.30
N TRP B 137 11.36 -13.49 -9.57
CA TRP B 137 10.45 -13.01 -8.59
C TRP B 137 9.63 -14.23 -8.13
N HIS B 138 9.93 -14.70 -6.94
CA HIS B 138 9.44 -15.99 -6.46
C HIS B 138 8.37 -15.79 -5.41
N GLY B 139 7.33 -16.59 -5.45
CA GLY B 139 6.49 -16.76 -4.26
C GLY B 139 7.09 -17.79 -3.30
N LYS B 140 6.27 -18.31 -2.40
CA LYS B 140 6.68 -19.12 -1.28
C LYS B 140 5.93 -20.44 -1.22
N THR B 141 6.58 -21.46 -0.66
CA THR B 141 5.88 -22.64 -0.17
C THR B 141 5.96 -22.54 1.34
N ILE B 142 4.84 -22.85 2.00
CA ILE B 142 4.61 -22.47 3.38
C ILE B 142 4.22 -23.71 4.19
N PRO B 143 4.97 -24.03 5.26
CA PRO B 143 4.71 -25.22 6.08
C PRO B 143 3.60 -24.98 7.11
N MET B 144 2.40 -24.75 6.62
CA MET B 144 1.26 -24.41 7.47
C MET B 144 0.73 -25.65 8.25
N ASP B 145 -0.08 -25.39 9.28
CA ASP B 145 -0.74 -26.42 10.08
C ASP B 145 -1.75 -27.23 9.26
N GLY B 146 -1.94 -28.49 9.63
CA GLY B 146 -2.89 -29.39 8.95
C GLY B 146 -2.37 -30.11 7.71
N GLN B 147 -3.26 -30.85 7.09
CA GLN B 147 -2.98 -31.70 5.92
C GLN B 147 -3.10 -30.86 4.67
N HIS B 148 -2.14 -29.94 4.54
CA HIS B 148 -2.24 -28.90 3.54
C HIS B 148 -0.89 -28.68 2.85
N PHE B 149 -0.95 -28.48 1.53
CA PHE B 149 0.10 -27.89 0.77
C PHE B 149 -0.32 -26.43 0.52
N CYS B 150 0.49 -25.47 1.00
CA CYS B 150 0.21 -24.04 0.85
C CYS B 150 1.33 -23.36 0.08
N PHE B 151 0.97 -22.65 -0.99
CA PHE B 151 1.90 -21.77 -1.66
C PHE B 151 1.31 -20.42 -2.03
N THR B 152 2.20 -19.48 -2.35
CA THR B 152 1.80 -18.19 -2.90
C THR B 152 2.24 -18.05 -4.36
N ARG B 153 1.36 -17.43 -5.14
CA ARG B 153 1.64 -16.96 -6.48
C ARG B 153 1.75 -15.45 -6.47
N HIS B 154 2.82 -14.94 -7.06
CA HIS B 154 3.00 -13.53 -7.32
C HIS B 154 2.42 -13.21 -8.70
N GLU B 155 1.15 -12.82 -8.73
CA GLU B 155 0.50 -12.47 -9.97
C GLU B 155 0.67 -10.97 -10.23
N PRO B 156 0.55 -10.53 -11.48
CA PRO B 156 0.51 -9.07 -11.75
C PRO B 156 -0.77 -8.42 -11.21
N VAL B 157 -0.65 -7.17 -10.81
CA VAL B 157 -1.77 -6.41 -10.30
C VAL B 157 -2.80 -6.13 -11.41
N GLY B 158 -2.34 -5.98 -12.65
CA GLY B 158 -3.23 -5.81 -13.81
C GLY B 158 -2.91 -4.57 -14.62
N VAL B 159 -3.93 -3.71 -14.80
CA VAL B 159 -3.80 -2.51 -15.61
C VAL B 159 -3.32 -1.40 -14.70
N CYS B 160 -2.12 -0.90 -14.96
CA CYS B 160 -1.49 0.08 -14.10
C CYS B 160 -1.50 1.45 -14.76
N GLY B 161 -2.17 2.38 -14.13
CA GLY B 161 -2.07 3.78 -14.52
C GLY B 161 -0.83 4.38 -13.87
N GLN B 162 -0.01 5.07 -14.67
CA GLN B 162 1.24 5.62 -14.22
C GLN B 162 1.31 7.10 -14.63
N ILE B 163 1.50 7.98 -13.65
CA ILE B 163 1.46 9.45 -13.87
C ILE B 163 2.80 10.01 -13.41
N ILE B 164 3.53 10.66 -14.34
CA ILE B 164 4.91 11.13 -14.05
C ILE B 164 5.10 12.66 -14.25
N PRO B 165 6.11 13.25 -13.55
CA PRO B 165 6.39 14.67 -13.70
C PRO B 165 7.41 15.01 -14.81
N TRP B 166 7.80 16.29 -14.85
CA TRP B 166 8.62 16.86 -15.94
C TRP B 166 10.11 16.93 -15.66
N ASN B 167 10.50 16.78 -14.40
CA ASN B 167 11.90 17.04 -14.04
C ASN B 167 12.90 16.00 -14.54
N PHE B 168 12.50 14.73 -14.63
CA PHE B 168 13.36 13.70 -15.27
C PHE B 168 12.47 12.87 -16.18
N PRO B 169 12.13 13.41 -17.36
CA PRO B 169 11.08 12.74 -18.14
C PRO B 169 11.33 11.26 -18.44
N LEU B 170 12.50 10.93 -18.99
CA LEU B 170 12.82 9.55 -19.38
C LEU B 170 13.17 8.63 -18.21
N VAL B 171 13.89 9.16 -17.23
CA VAL B 171 14.21 8.42 -15.98
C VAL B 171 12.91 8.03 -15.29
N MET B 172 12.04 9.02 -15.02
CA MET B 172 10.75 8.79 -14.37
C MET B 172 9.90 7.79 -15.13
N GLN B 173 9.92 7.88 -16.45
CA GLN B 173 9.28 6.88 -17.30
C GLN B 173 9.83 5.47 -17.08
N GLY B 174 11.14 5.36 -17.04
CA GLY B 174 11.80 4.08 -16.85
C GLY B 174 11.55 3.45 -15.49
N TRP B 175 11.57 4.27 -14.43
CA TRP B 175 11.27 3.83 -13.07
C TRP B 175 9.87 3.19 -12.95
N LYS B 176 8.94 3.66 -13.76
CA LYS B 176 7.57 3.17 -13.76
C LYS B 176 7.38 1.96 -14.63
N LEU B 177 7.77 2.09 -15.89
CA LEU B 177 7.59 1.03 -16.88
C LEU B 177 8.34 -0.26 -16.56
N ALA B 178 9.64 -0.15 -16.24
CA ALA B 178 10.51 -1.30 -16.10
C ALA B 178 9.98 -2.34 -15.07
N PRO B 179 9.71 -1.94 -13.82
CA PRO B 179 9.21 -2.93 -12.87
C PRO B 179 7.78 -3.42 -13.16
N ALA B 180 6.93 -2.54 -13.66
CA ALA B 180 5.57 -2.93 -14.04
C ALA B 180 5.55 -4.02 -15.11
N LEU B 181 6.31 -3.81 -16.17
CA LEU B 181 6.38 -4.75 -17.29
C LEU B 181 7.11 -6.07 -16.91
N ALA B 182 8.13 -5.95 -16.08
CA ALA B 182 8.87 -7.11 -15.60
C ALA B 182 7.96 -8.06 -14.82
N THR B 183 6.97 -7.51 -14.11
CA THR B 183 6.06 -8.36 -13.33
C THR B 183 4.77 -8.67 -14.09
N GLY B 184 4.74 -8.32 -15.37
CA GLY B 184 3.72 -8.79 -16.30
C GLY B 184 2.46 -7.94 -16.33
N ASN B 185 2.55 -6.71 -15.88
CA ASN B 185 1.38 -5.80 -15.92
C ASN B 185 1.22 -5.20 -17.29
N THR B 186 0.10 -4.49 -17.49
CA THR B 186 -0.02 -3.55 -18.63
C THR B 186 -0.18 -2.14 -18.09
N VAL B 187 0.03 -1.17 -18.97
CA VAL B 187 0.25 0.21 -18.59
C VAL B 187 -0.46 1.27 -19.43
N VAL B 188 -1.04 2.23 -18.73
CA VAL B 188 -1.50 3.48 -19.33
C VAL B 188 -0.75 4.58 -18.59
N MET B 189 0.19 5.20 -19.29
CA MET B 189 1.06 6.25 -18.74
C MET B 189 0.67 7.64 -19.24
N LYS B 190 0.53 8.56 -18.27
CA LYS B 190 0.29 9.99 -18.52
C LYS B 190 1.58 10.77 -18.22
N VAL B 191 2.25 11.22 -19.27
CA VAL B 191 3.49 11.98 -19.14
C VAL B 191 3.18 13.45 -18.91
N ALA B 192 4.17 14.22 -18.47
CA ALA B 192 3.95 15.62 -18.06
C ALA B 192 3.72 16.54 -19.26
N GLU B 193 2.78 17.48 -19.13
CA GLU B 193 2.48 18.48 -20.17
C GLU B 193 3.72 19.28 -20.63
N GLN B 194 4.63 19.59 -19.70
CA GLN B 194 5.82 20.38 -20.01
C GLN B 194 6.84 19.60 -20.83
N THR B 195 6.83 18.27 -20.77
CA THR B 195 7.90 17.45 -21.38
C THR B 195 7.38 16.17 -22.02
N PRO B 196 6.56 16.28 -23.07
CA PRO B 196 5.97 15.08 -23.66
C PRO B 196 6.81 14.35 -24.70
N LEU B 197 7.86 14.99 -25.25
CA LEU B 197 8.45 14.51 -26.51
C LEU B 197 9.30 13.24 -26.40
N SER B 198 10.20 13.20 -25.42
CA SER B 198 11.10 12.06 -25.20
C SER B 198 10.35 10.75 -24.93
N ALA B 199 9.28 10.84 -24.14
CA ALA B 199 8.47 9.66 -23.83
C ALA B 199 7.78 9.06 -25.07
N LEU B 200 7.43 9.92 -26.03
CA LEU B 200 6.82 9.44 -27.27
C LEU B 200 7.83 8.74 -28.18
N TYR B 201 9.05 9.28 -28.27
CA TYR B 201 10.07 8.56 -29.00
C TYR B 201 10.39 7.22 -28.31
N LEU B 202 10.43 7.21 -26.98
CA LEU B 202 10.66 5.94 -26.30
C LEU B 202 9.57 4.89 -26.62
N ALA B 203 8.32 5.32 -26.67
CA ALA B 203 7.21 4.49 -27.12
C ALA B 203 7.43 3.86 -28.49
N SER B 204 8.09 4.58 -29.39
CA SER B 204 8.39 4.03 -30.73
C SER B 204 9.37 2.86 -30.63
N LEU B 205 10.29 2.93 -29.67
CA LEU B 205 11.25 1.86 -29.43
C LEU B 205 10.64 0.66 -28.71
N ILE B 206 9.59 0.89 -27.91
CA ILE B 206 8.79 -0.18 -27.30
C ILE B 206 8.13 -1.02 -28.40
N LYS B 207 7.48 -0.33 -29.33
CA LYS B 207 6.92 -1.01 -30.50
C LYS B 207 8.00 -1.76 -31.31
N GLU B 208 9.08 -1.07 -31.65
CA GLU B 208 10.21 -1.69 -32.37
C GLU B 208 10.79 -2.93 -31.65
N ALA B 209 10.86 -2.88 -30.31
CA ALA B 209 11.39 -3.97 -29.50
C ALA B 209 10.53 -5.23 -29.55
N GLY B 210 9.24 -5.06 -29.84
CA GLY B 210 8.32 -6.19 -30.02
C GLY B 210 7.33 -6.42 -28.91
N PHE B 211 7.10 -5.42 -28.06
CA PHE B 211 6.08 -5.54 -27.03
C PHE B 211 4.73 -5.65 -27.73
N PRO B 212 3.87 -6.60 -27.32
CA PRO B 212 2.54 -6.69 -27.93
C PRO B 212 1.67 -5.42 -27.78
N PRO B 213 0.70 -5.23 -28.69
CA PRO B 213 -0.17 -4.05 -28.64
C PRO B 213 -0.96 -3.91 -27.36
N GLY B 214 -1.02 -2.70 -26.84
CA GLY B 214 -1.76 -2.41 -25.61
C GLY B 214 -1.02 -2.67 -24.30
N VAL B 215 0.15 -3.32 -24.35
CA VAL B 215 0.96 -3.55 -23.15
C VAL B 215 1.45 -2.22 -22.55
N VAL B 216 1.91 -1.31 -23.40
CA VAL B 216 2.24 0.05 -22.98
C VAL B 216 1.47 1.04 -23.86
N ASN B 217 0.72 1.93 -23.20
CA ASN B 217 0.02 3.04 -23.89
C ASN B 217 0.42 4.37 -23.27
N ILE B 218 0.76 5.32 -24.13
CA ILE B 218 1.21 6.62 -23.68
C ILE B 218 0.27 7.76 -24.09
N ILE B 219 -0.08 8.56 -23.09
CA ILE B 219 -1.05 9.64 -23.22
C ILE B 219 -0.42 10.96 -22.79
N THR B 220 -0.45 11.90 -23.72
CA THR B 220 -0.09 13.30 -23.48
C THR B 220 -1.36 14.07 -23.15
N GLY B 221 -1.25 15.06 -22.27
CA GLY B 221 -2.41 15.85 -21.87
C GLY B 221 -2.24 16.49 -20.52
N TYR B 222 -3.27 17.17 -20.06
CA TYR B 222 -3.20 17.90 -18.80
C TYR B 222 -3.50 16.98 -17.62
N GLY B 223 -3.04 17.38 -16.46
CA GLY B 223 -3.25 16.63 -15.23
C GLY B 223 -4.69 16.46 -14.83
N PRO B 224 -5.43 17.59 -14.61
CA PRO B 224 -6.83 17.53 -14.15
C PRO B 224 -7.83 16.85 -15.12
N THR B 225 -7.43 16.69 -16.37
CA THR B 225 -8.24 16.01 -17.36
C THR B 225 -7.79 14.52 -17.56
N ALA B 226 -6.69 14.31 -18.27
CA ALA B 226 -6.16 12.96 -18.60
C ALA B 226 -5.62 12.19 -17.38
N GLY B 227 -4.88 12.88 -16.52
CA GLY B 227 -4.40 12.30 -15.28
C GLY B 227 -5.51 11.83 -14.34
N ALA B 228 -6.43 12.75 -14.06
CA ALA B 228 -7.59 12.48 -13.22
C ALA B 228 -8.48 11.38 -13.79
N ALA B 229 -8.60 11.29 -15.10
CA ALA B 229 -9.38 10.22 -15.68
C ALA B 229 -8.76 8.84 -15.37
N ILE B 230 -7.44 8.75 -15.40
CA ILE B 230 -6.73 7.50 -15.03
C ILE B 230 -6.96 7.16 -13.54
N ALA B 231 -6.73 8.12 -12.63
CA ALA B 231 -6.86 7.88 -11.20
C ALA B 231 -8.27 7.51 -10.74
N GLN B 232 -9.27 7.98 -11.48
CA GLN B 232 -10.68 7.73 -11.22
C GLN B 232 -11.28 6.57 -12.02
N HIS B 233 -10.52 5.96 -12.90
CA HIS B 233 -11.05 4.96 -13.81
C HIS B 233 -11.40 3.66 -13.05
N MET B 234 -12.57 3.12 -13.35
CA MET B 234 -13.11 1.93 -12.67
C MET B 234 -12.48 0.62 -13.08
N ASP B 235 -11.79 0.63 -14.21
CA ASP B 235 -11.09 -0.51 -14.77
C ASP B 235 -9.54 -0.43 -14.72
N VAL B 236 -9.02 0.54 -13.97
CA VAL B 236 -7.59 0.59 -13.67
C VAL B 236 -7.35 -0.04 -12.29
N ASP B 237 -6.47 -1.03 -12.23
CA ASP B 237 -6.28 -1.84 -11.00
C ASP B 237 -5.33 -1.19 -10.00
N LYS B 238 -4.44 -0.34 -10.51
CA LYS B 238 -3.39 0.27 -9.75
C LYS B 238 -3.04 1.64 -10.31
N VAL B 239 -2.77 2.60 -9.45
CA VAL B 239 -2.18 3.87 -9.88
C VAL B 239 -0.85 4.06 -9.19
N ALA B 240 0.17 4.39 -9.97
CA ALA B 240 1.47 4.80 -9.47
C ALA B 240 1.71 6.26 -9.88
N PHE B 241 1.78 7.15 -8.91
CA PHE B 241 1.85 8.58 -9.13
C PHE B 241 3.15 9.15 -8.60
N THR B 242 3.88 9.87 -9.44
CA THR B 242 5.02 10.68 -9.02
C THR B 242 4.68 12.14 -9.33
N GLY B 243 4.83 12.99 -8.33
CA GLY B 243 4.42 14.37 -8.44
C GLY B 243 4.40 15.08 -7.12
N SER B 244 3.58 16.13 -7.04
CA SER B 244 3.51 16.95 -5.84
C SER B 244 2.69 16.29 -4.76
N THR B 245 3.03 16.63 -3.53
CA THR B 245 2.34 16.17 -2.35
C THR B 245 0.87 16.56 -2.44
N GLU B 246 0.57 17.78 -2.92
CA GLU B 246 -0.82 18.23 -3.02
C GLU B 246 -1.66 17.36 -3.99
N VAL B 247 -1.12 17.06 -5.17
CA VAL B 247 -1.81 16.17 -6.11
C VAL B 247 -1.86 14.72 -5.55
N GLY B 248 -0.81 14.28 -4.88
CA GLY B 248 -0.80 13.00 -4.15
C GLY B 248 -2.03 12.72 -3.29
N HIS B 249 -2.42 13.71 -2.47
CA HIS B 249 -3.65 13.66 -1.69
C HIS B 249 -4.87 13.36 -2.59
N LEU B 250 -4.96 14.07 -3.70
CA LEU B 250 -6.06 13.88 -4.65
C LEU B 250 -6.09 12.48 -5.30
N ILE B 251 -4.92 11.94 -5.60
CA ILE B 251 -4.81 10.61 -6.19
C ILE B 251 -5.37 9.56 -5.23
N GLN B 252 -4.97 9.64 -3.98
CA GLN B 252 -5.41 8.72 -2.96
C GLN B 252 -6.91 8.80 -2.69
N LYS B 253 -7.44 10.01 -2.61
CA LYS B 253 -8.89 10.21 -2.54
C LYS B 253 -9.65 9.64 -3.74
N ALA B 254 -9.10 9.84 -4.93
CA ALA B 254 -9.74 9.33 -6.15
C ALA B 254 -9.79 7.77 -6.17
N ALA B 255 -8.78 7.12 -5.57
CA ALA B 255 -8.73 5.65 -5.47
C ALA B 255 -9.86 5.20 -4.56
N GLY B 256 -9.95 5.85 -3.41
CA GLY B 256 -11.03 5.65 -2.47
C GLY B 256 -12.42 5.93 -3.03
N ASP B 257 -12.52 6.89 -3.93
CA ASP B 257 -13.78 7.29 -4.55
C ASP B 257 -14.24 6.46 -5.76
N SER B 258 -13.33 5.77 -6.44
CA SER B 258 -13.64 4.95 -7.58
C SER B 258 -13.72 3.44 -7.19
N ASN B 259 -12.63 2.69 -7.34
CA ASN B 259 -12.66 1.23 -7.29
C ASN B 259 -11.63 0.59 -6.34
N LEU B 260 -11.13 1.36 -5.39
CA LEU B 260 -10.08 0.92 -4.45
C LEU B 260 -8.81 0.38 -5.11
N LYS B 261 -8.48 0.95 -6.26
CA LYS B 261 -7.24 0.69 -6.93
C LYS B 261 -6.08 0.85 -5.95
N ARG B 262 -5.05 0.03 -6.14
CA ARG B 262 -3.88 0.04 -5.28
C ARG B 262 -3.10 1.31 -5.64
N VAL B 263 -2.47 1.97 -4.65
CA VAL B 263 -1.82 3.28 -4.83
C VAL B 263 -0.38 3.29 -4.39
N THR B 264 0.51 3.81 -5.23
CA THR B 264 1.84 4.24 -4.79
C THR B 264 2.05 5.71 -5.16
N LEU B 265 2.70 6.42 -4.25
CA LEU B 265 2.84 7.85 -4.27
C LEU B 265 4.28 8.16 -4.02
N GLU B 266 4.88 8.91 -4.93
CA GLU B 266 6.26 9.39 -4.79
C GLU B 266 6.18 10.92 -4.88
N LEU B 267 6.29 11.59 -3.73
CA LEU B 267 5.86 12.98 -3.63
C LEU B 267 7.02 13.99 -3.38
N GLY B 268 6.72 15.14 -2.79
CA GLY B 268 7.70 16.21 -2.64
C GLY B 268 8.65 16.01 -1.49
N GLY B 269 9.58 16.95 -1.36
CA GLY B 269 10.65 16.92 -0.37
C GLY B 269 11.17 18.29 0.03
N LYS B 270 11.69 18.35 1.25
CA LYS B 270 12.49 19.46 1.77
C LYS B 270 13.66 18.81 2.51
N SER B 271 14.46 18.06 1.76
CA SER B 271 15.48 17.17 2.35
C SER B 271 16.69 17.93 2.92
N PRO B 272 17.11 17.57 4.15
CA PRO B 272 18.25 18.23 4.75
C PRO B 272 19.62 17.57 4.48
N SER B 273 20.61 18.41 4.24
CA SER B 273 22.01 18.06 4.29
C SER B 273 22.50 18.51 5.66
N ILE B 274 23.20 17.65 6.38
CA ILE B 274 23.70 17.98 7.73
C ILE B 274 25.22 17.80 7.77
N VAL B 275 25.93 18.89 8.02
CA VAL B 275 27.40 18.87 8.01
C VAL B 275 27.93 19.06 9.41
N LEU B 276 28.55 18.02 9.94
CA LEU B 276 29.19 18.07 11.25
C LEU B 276 30.58 18.65 11.15
N ALA B 277 31.09 19.08 12.29
CA ALA B 277 32.37 19.79 12.41
C ALA B 277 33.56 18.99 11.92
N ASP B 278 33.54 17.68 12.20
CA ASP B 278 34.59 16.75 11.75
C ASP B 278 34.48 16.29 10.30
N ALA B 279 33.55 16.86 9.53
CA ALA B 279 33.43 16.48 8.12
C ALA B 279 34.66 16.95 7.36
N ASP B 280 34.93 16.28 6.25
CA ASP B 280 35.86 16.76 5.23
C ASP B 280 35.22 17.99 4.60
N MET B 281 35.79 19.16 4.90
CA MET B 281 35.17 20.45 4.55
C MET B 281 34.91 20.56 3.05
N GLU B 282 35.96 20.38 2.25
CA GLU B 282 35.91 20.61 0.80
C GLU B 282 34.94 19.65 0.12
N HIS B 283 34.98 18.40 0.54
CA HIS B 283 34.02 17.38 0.09
C HIS B 283 32.56 17.74 0.46
N ALA B 284 32.32 18.07 1.71
CA ALA B 284 30.96 18.45 2.17
C ALA B 284 30.40 19.66 1.41
N VAL B 285 31.21 20.71 1.26
CA VAL B 285 30.82 21.88 0.49
C VAL B 285 30.45 21.52 -0.94
N GLU B 286 31.31 20.72 -1.58
CA GLU B 286 31.06 20.28 -2.97
C GLU B 286 29.78 19.43 -3.06
N GLN B 287 29.64 18.48 -2.16
CA GLN B 287 28.49 17.58 -2.14
C GLN B 287 27.16 18.33 -1.88
N CYS B 288 27.13 19.18 -0.85
CA CYS B 288 25.93 19.98 -0.55
C CYS B 288 25.56 20.94 -1.65
N HIS B 289 26.58 21.47 -2.34
CA HIS B 289 26.38 22.37 -3.46
C HIS B 289 25.65 21.61 -4.56
N GLU B 290 26.24 20.50 -5.00
CA GLU B 290 25.59 19.69 -6.02
C GLU B 290 24.24 19.11 -5.55
N ALA B 291 24.13 18.81 -4.26
CA ALA B 291 22.86 18.29 -3.72
C ALA B 291 21.69 19.24 -4.00
N LEU B 292 21.96 20.54 -3.96
CA LEU B 292 20.93 21.53 -4.26
C LEU B 292 20.84 21.85 -5.74
N PHE B 293 21.95 22.25 -6.37
CA PHE B 293 21.88 22.79 -7.74
C PHE B 293 21.76 21.77 -8.86
N PHE B 294 21.99 20.49 -8.58
CA PHE B 294 21.76 19.42 -9.57
C PHE B 294 20.40 19.58 -10.22
N ASN B 295 20.37 19.45 -11.55
CA ASN B 295 19.16 19.61 -12.35
C ASN B 295 18.43 20.91 -12.02
N MET B 296 19.22 21.98 -11.83
CA MET B 296 18.72 23.33 -11.57
C MET B 296 17.82 23.43 -10.33
N GLY B 297 18.12 22.61 -9.32
CA GLY B 297 17.29 22.53 -8.11
C GLY B 297 15.92 21.86 -8.29
N GLN B 298 15.68 21.29 -9.46
CA GLN B 298 14.38 20.69 -9.78
C GLN B 298 14.47 19.16 -9.58
N CYS B 299 15.00 18.75 -8.44
CA CYS B 299 15.14 17.33 -8.08
C CYS B 299 14.38 17.18 -6.80
N CYS B 300 13.51 16.16 -6.76
CA CYS B 300 12.63 15.91 -5.62
C CYS B 300 13.36 15.65 -4.32
N CYS B 301 14.50 14.96 -4.39
CA CYS B 301 15.32 14.76 -3.18
C CYS B 301 16.49 15.76 -3.04
N ALA B 302 16.41 16.91 -3.70
CA ALA B 302 17.42 17.96 -3.55
C ALA B 302 17.72 18.25 -2.08
N GLY B 303 18.99 18.44 -1.75
CA GLY B 303 19.41 18.94 -0.44
C GLY B 303 19.06 20.41 -0.28
N SER B 304 17.79 20.65 -0.02
CA SER B 304 17.22 21.97 -0.05
C SER B 304 17.30 22.69 1.26
N ARG B 305 17.79 22.03 2.32
CA ARG B 305 18.18 22.69 3.58
C ARG B 305 19.59 22.20 3.96
N THR B 306 20.56 23.10 3.95
CA THR B 306 21.94 22.76 4.35
C THR B 306 22.17 23.24 5.78
N PHE B 307 22.31 22.29 6.70
CA PHE B 307 22.56 22.54 8.11
C PHE B 307 24.03 22.32 8.38
N VAL B 308 24.64 23.27 9.06
CA VAL B 308 26.12 23.30 9.26
C VAL B 308 26.45 23.59 10.73
N GLU B 309 27.37 22.81 11.30
CA GLU B 309 27.77 23.01 12.69
C GLU B 309 28.38 24.41 12.85
N GLU B 310 28.12 25.01 14.00
CA GLU B 310 28.42 26.42 14.30
C GLU B 310 29.90 26.76 14.08
N SER B 311 30.77 25.87 14.53
CA SER B 311 32.21 26.12 14.51
C SER B 311 32.84 26.14 13.12
N ILE B 312 32.15 25.57 12.13
CA ILE B 312 32.59 25.60 10.73
C ILE B 312 31.68 26.38 9.78
N TYR B 313 30.65 27.02 10.33
CA TYR B 313 29.63 27.73 9.54
C TYR B 313 30.20 28.80 8.59
N ASN B 314 31.00 29.72 9.12
CA ASN B 314 31.54 30.84 8.30
C ASN B 314 32.38 30.36 7.12
N GLU B 315 33.35 29.49 7.40
CA GLU B 315 34.16 28.92 6.33
C GLU B 315 33.26 28.23 5.30
N PHE B 316 32.36 27.38 5.79
CA PHE B 316 31.43 26.64 4.91
C PHE B 316 30.63 27.59 4.03
N LEU B 317 30.10 28.64 4.66
CA LEU B 317 29.34 29.66 3.94
C LEU B 317 30.17 30.33 2.84
N GLU B 318 31.37 30.78 3.17
CA GLU B 318 32.20 31.47 2.16
C GLU B 318 32.45 30.54 0.95
N ARG B 319 32.85 29.31 1.24
CA ARG B 319 33.14 28.34 0.18
C ARG B 319 31.90 27.97 -0.64
N THR B 320 30.74 27.91 0.01
CA THR B 320 29.48 27.63 -0.68
C THR B 320 29.11 28.75 -1.63
N VAL B 321 29.23 29.99 -1.17
CA VAL B 321 28.96 31.16 -2.06
C VAL B 321 29.91 31.18 -3.25
N GLU B 322 31.19 30.90 -3.02
CA GLU B 322 32.17 30.82 -4.11
C GLU B 322 31.75 29.77 -5.17
N LYS B 323 31.33 28.58 -4.74
CA LYS B 323 30.85 27.55 -5.71
C LYS B 323 29.59 27.99 -6.47
N ALA B 324 28.63 28.61 -5.78
CA ALA B 324 27.43 29.18 -6.45
C ALA B 324 27.82 30.20 -7.54
N LYS B 325 28.67 31.15 -7.16
CA LYS B 325 29.21 32.15 -8.11
C LYS B 325 29.97 31.56 -9.30
N GLN B 326 30.67 30.44 -9.09
CA GLN B 326 31.42 29.77 -10.17
C GLN B 326 30.58 28.90 -11.09
N ARG B 327 29.42 28.44 -10.63
CA ARG B 327 28.60 27.50 -11.41
C ARG B 327 28.21 28.10 -12.76
N LYS B 328 28.53 27.40 -13.84
CA LYS B 328 28.29 27.93 -15.19
C LYS B 328 26.81 27.82 -15.61
N VAL B 329 26.16 28.97 -15.70
CA VAL B 329 24.77 29.08 -16.20
C VAL B 329 24.78 29.43 -17.66
N GLY B 330 24.00 28.72 -18.46
CA GLY B 330 23.95 29.00 -19.89
C GLY B 330 23.28 27.96 -20.75
N ASN B 331 23.58 28.03 -22.04
CA ASN B 331 22.96 27.17 -23.05
C ASN B 331 23.31 25.71 -22.74
N PRO B 332 22.29 24.86 -22.51
CA PRO B 332 22.53 23.49 -22.07
C PRO B 332 23.12 22.56 -23.13
N PHE B 333 22.96 22.93 -24.40
CA PHE B 333 23.67 22.23 -25.49
C PHE B 333 25.18 22.46 -25.56
N GLU B 334 25.73 23.43 -24.84
CA GLU B 334 27.19 23.50 -24.75
C GLU B 334 27.70 22.68 -23.57
N LEU B 335 28.78 21.96 -23.83
CA LEU B 335 29.11 20.75 -23.07
C LEU B 335 29.55 20.98 -21.64
N ASP B 336 30.02 22.18 -21.34
CA ASP B 336 30.46 22.53 -19.98
C ASP B 336 29.41 23.30 -19.18
N THR B 337 28.24 23.53 -19.78
CA THR B 337 27.11 24.17 -19.07
C THR B 337 26.69 23.28 -17.90
N GLN B 338 26.56 23.88 -16.73
CA GLN B 338 26.17 23.17 -15.48
C GLN B 338 24.72 23.39 -15.04
N GLN B 339 24.15 24.54 -15.42
CA GLN B 339 22.82 24.95 -15.04
C GLN B 339 22.11 25.48 -16.26
N GLY B 340 21.08 24.76 -16.71
CA GLY B 340 20.24 25.21 -17.80
C GLY B 340 19.13 26.11 -17.26
N PRO B 341 18.08 26.38 -18.06
CA PRO B 341 16.97 27.17 -17.56
C PRO B 341 16.02 26.33 -16.74
N GLN B 342 15.14 26.99 -15.99
CA GLN B 342 13.96 26.35 -15.38
C GLN B 342 13.03 25.89 -16.51
N VAL B 343 12.03 25.07 -16.19
CA VAL B 343 11.37 24.29 -17.22
C VAL B 343 10.34 25.09 -18.00
N ASP B 344 9.72 26.06 -17.34
CA ASP B 344 8.71 26.89 -17.98
C ASP B 344 8.53 28.21 -17.25
N LYS B 345 7.73 29.08 -17.84
CA LYS B 345 7.44 30.41 -17.29
C LYS B 345 6.92 30.37 -15.86
N GLU B 346 5.97 29.46 -15.57
CA GLU B 346 5.38 29.37 -14.22
C GLU B 346 6.40 28.98 -13.15
N GLN B 347 7.21 27.96 -13.43
CA GLN B 347 8.28 27.56 -12.49
C GLN B 347 9.28 28.71 -12.28
N PHE B 348 9.71 29.30 -13.39
CA PHE B 348 10.56 30.51 -13.41
C PHE B 348 10.07 31.56 -12.43
N GLU B 349 8.79 31.93 -12.57
CA GLU B 349 8.21 32.97 -11.71
C GLU B 349 8.03 32.53 -10.26
N ARG B 350 7.74 31.25 -10.07
CA ARG B 350 7.60 30.70 -8.74
C ARG B 350 8.94 30.73 -7.99
N VAL B 351 10.02 30.35 -8.67
CA VAL B 351 11.35 30.41 -8.01
C VAL B 351 11.77 31.87 -7.68
N LEU B 352 11.61 32.78 -8.63
CA LEU B 352 11.83 34.22 -8.38
C LEU B 352 10.96 34.76 -7.24
N GLY B 353 9.71 34.28 -7.14
CA GLY B 353 8.83 34.64 -6.02
C GLY B 353 9.41 34.27 -4.67
N TYR B 354 9.93 33.04 -4.56
CA TYR B 354 10.58 32.61 -3.32
C TYR B 354 11.87 33.38 -3.01
N ILE B 355 12.65 33.75 -4.02
CA ILE B 355 13.82 34.59 -3.80
C ILE B 355 13.40 35.92 -3.13
N GLN B 356 12.37 36.56 -3.67
CA GLN B 356 11.82 37.80 -3.06
C GLN B 356 11.33 37.54 -1.63
N LEU B 357 10.54 36.49 -1.47
CA LEU B 357 10.00 36.13 -0.16
C LEU B 357 11.10 35.97 0.92
N GLY B 358 12.17 35.26 0.55
CA GLY B 358 13.33 35.08 1.44
C GLY B 358 13.93 36.41 1.90
N GLN B 359 14.08 37.35 0.97
CA GLN B 359 14.54 38.69 1.34
C GLN B 359 13.57 39.38 2.31
N LYS B 360 12.28 39.39 1.97
CA LYS B 360 11.24 40.00 2.84
C LYS B 360 11.22 39.42 4.24
N GLU B 361 11.52 38.12 4.39
CA GLU B 361 11.47 37.46 5.69
C GLU B 361 12.66 37.73 6.62
N GLY B 362 13.74 38.30 6.07
CA GLY B 362 14.92 38.64 6.87
C GLY B 362 16.13 37.75 6.63
N ALA B 363 16.10 36.95 5.56
CA ALA B 363 17.22 36.09 5.23
C ALA B 363 18.19 36.89 4.36
N LYS B 364 19.47 36.64 4.51
CA LYS B 364 20.52 37.42 3.82
C LYS B 364 20.80 36.81 2.45
N LEU B 365 20.49 37.54 1.39
CA LEU B 365 20.89 37.17 0.05
C LEU B 365 22.42 37.32 -0.09
N LEU B 366 23.11 36.21 -0.23
CA LEU B 366 24.57 36.22 -0.36
C LEU B 366 25.08 36.30 -1.80
N CYS B 367 24.29 35.84 -2.76
CA CYS B 367 24.68 35.91 -4.18
C CYS B 367 23.49 35.57 -5.04
N GLY B 368 23.62 35.84 -6.33
CA GLY B 368 22.56 35.66 -7.33
C GLY B 368 21.30 36.45 -7.05
N GLY B 369 20.15 35.79 -7.15
CA GLY B 369 18.88 36.33 -6.65
C GLY B 369 18.08 37.07 -7.68
N GLU B 370 18.33 36.78 -8.95
CA GLU B 370 17.61 37.39 -10.05
C GLU B 370 17.78 36.55 -11.29
N ARG B 371 17.12 36.97 -12.35
CA ARG B 371 17.21 36.34 -13.65
C ARG B 371 18.62 36.46 -14.22
N PHE B 372 19.06 35.42 -14.92
CA PHE B 372 20.29 35.46 -15.68
C PHE B 372 19.89 35.75 -17.12
N GLY B 373 20.47 36.81 -17.71
CA GLY B 373 20.23 37.12 -19.12
C GLY B 373 18.84 37.62 -19.42
N GLU B 374 18.47 37.55 -20.71
CA GLU B 374 17.24 38.12 -21.26
C GLU B 374 16.32 37.11 -21.97
N ARG B 375 16.86 36.00 -22.46
CA ARG B 375 16.09 34.99 -23.20
C ARG B 375 15.97 33.66 -22.42
N GLY B 376 14.76 33.09 -22.41
CA GLY B 376 14.45 31.85 -21.68
C GLY B 376 14.28 32.07 -20.19
N PHE B 377 14.31 30.97 -19.43
CA PHE B 377 13.90 30.99 -18.01
C PHE B 377 15.06 30.69 -17.05
N PHE B 378 16.16 31.41 -17.24
CA PHE B 378 17.39 31.23 -16.46
C PHE B 378 17.38 32.06 -15.19
N ILE B 379 17.86 31.47 -14.10
CA ILE B 379 18.00 32.14 -12.82
C ILE B 379 19.45 31.95 -12.32
N LYS B 380 20.02 33.02 -11.76
CA LYS B 380 21.36 32.96 -11.19
C LYS B 380 21.37 32.13 -9.92
N PRO B 381 22.39 31.26 -9.74
CA PRO B 381 22.50 30.47 -8.53
C PRO B 381 22.46 31.36 -7.34
N THR B 382 21.57 31.03 -6.41
CA THR B 382 21.27 31.88 -5.29
C THR B 382 21.52 31.14 -3.99
N VAL B 383 22.16 31.81 -3.04
CA VAL B 383 22.44 31.26 -1.72
C VAL B 383 21.90 32.24 -0.69
N PHE B 384 21.16 31.73 0.30
CA PHE B 384 20.72 32.51 1.45
C PHE B 384 21.46 32.09 2.70
N GLY B 385 21.78 33.07 3.57
CA GLY B 385 22.41 32.82 4.88
C GLY B 385 21.51 33.27 6.00
N GLY B 386 21.78 32.78 7.22
CA GLY B 386 21.02 33.16 8.43
C GLY B 386 19.56 32.75 8.37
N VAL B 387 19.30 31.59 7.78
CA VAL B 387 17.91 31.13 7.57
C VAL B 387 17.39 30.53 8.85
N GLN B 388 16.13 30.85 9.14
CA GLN B 388 15.45 30.38 10.35
C GLN B 388 14.35 29.39 9.96
N ASP B 389 14.06 28.48 10.88
CA ASP B 389 13.11 27.39 10.64
C ASP B 389 11.67 27.89 10.41
N ASP B 390 11.31 29.00 11.05
CA ASP B 390 9.98 29.62 10.86
C ASP B 390 9.78 30.38 9.54
N MET B 391 10.83 30.59 8.75
CA MET B 391 10.71 31.22 7.43
C MET B 391 10.08 30.29 6.40
N ARG B 392 9.29 30.86 5.51
CA ARG B 392 8.65 30.12 4.44
C ARG B 392 9.63 29.46 3.49
N ILE B 393 10.78 30.09 3.22
CA ILE B 393 11.78 29.45 2.38
C ILE B 393 12.42 28.23 3.06
N ALA B 394 12.37 28.18 4.39
CA ALA B 394 12.75 27.00 5.16
C ALA B 394 11.74 25.84 5.13
N LYS B 395 10.50 26.11 4.74
CA LYS B 395 9.39 25.16 4.91
C LYS B 395 8.83 24.62 3.60
N GLU B 396 8.78 25.47 2.58
CA GLU B 396 8.14 25.13 1.33
C GLU B 396 9.15 24.70 0.31
N GLU B 397 8.68 23.84 -0.59
CA GLU B 397 9.52 23.26 -1.61
C GLU B 397 9.69 24.32 -2.70
N ILE B 398 10.91 24.84 -2.82
CA ILE B 398 11.19 25.92 -3.77
C ILE B 398 11.32 25.35 -5.19
N PHE B 399 12.04 24.24 -5.32
CA PHE B 399 12.20 23.54 -6.60
C PHE B 399 12.95 24.39 -7.63
N GLY B 400 14.02 25.06 -7.19
CA GLY B 400 14.85 25.90 -8.06
C GLY B 400 16.22 26.13 -7.43
N PRO B 401 17.10 26.87 -8.13
CA PRO B 401 18.49 27.01 -7.70
C PRO B 401 18.69 28.01 -6.57
N VAL B 402 18.15 27.67 -5.41
CA VAL B 402 18.18 28.49 -4.20
C VAL B 402 18.61 27.60 -3.06
N GLN B 403 19.74 27.92 -2.44
CA GLN B 403 20.29 27.11 -1.38
C GLN B 403 20.25 27.89 -0.10
N PRO B 404 19.34 27.52 0.84
CA PRO B 404 19.36 28.10 2.18
C PRO B 404 20.29 27.39 3.16
N LEU B 405 20.97 28.19 3.96
CA LEU B 405 21.94 27.71 4.93
C LEU B 405 21.41 27.96 6.33
N PHE B 406 21.58 26.95 7.17
CA PHE B 406 21.17 27.01 8.56
C PHE B 406 22.36 26.69 9.45
N LYS B 407 22.28 27.15 10.69
CA LYS B 407 23.32 26.94 11.68
C LYS B 407 22.72 26.17 12.83
N PHE B 408 23.46 25.17 13.31
CA PHE B 408 23.10 24.42 14.52
C PHE B 408 24.33 24.26 15.41
N LYS B 409 24.09 23.87 16.65
CA LYS B 409 25.14 23.60 17.65
C LYS B 409 25.18 22.15 18.18
N LYS B 410 24.02 21.53 18.38
CA LYS B 410 23.91 20.21 19.01
C LYS B 410 23.31 19.13 18.08
N ILE B 411 23.80 17.90 18.21
CA ILE B 411 23.32 16.73 17.47
C ILE B 411 21.80 16.57 17.63
N GLU B 412 21.36 16.63 18.87
CA GLU B 412 19.97 16.39 19.24
C GLU B 412 19.10 17.51 18.65
N GLU B 413 19.65 18.73 18.61
CA GLU B 413 18.95 19.90 18.05
C GLU B 413 18.72 19.72 16.56
N VAL B 414 19.76 19.37 15.82
CA VAL B 414 19.67 19.28 14.38
C VAL B 414 18.76 18.15 13.90
N VAL B 415 18.69 17.03 14.63
CA VAL B 415 17.79 15.94 14.23
C VAL B 415 16.33 16.38 14.33
N GLU B 416 15.97 17.02 15.45
CA GLU B 416 14.63 17.60 15.64
C GLU B 416 14.28 18.58 14.54
N ARG B 417 15.21 19.44 14.16
CA ARG B 417 14.96 20.45 13.12
C ARG B 417 14.85 19.82 11.75
N ALA B 418 15.76 18.90 11.47
CA ALA B 418 15.73 18.12 10.23
C ALA B 418 14.37 17.43 10.07
N ASN B 419 13.89 16.81 11.14
CA ASN B 419 12.66 15.97 11.13
C ASN B 419 11.36 16.74 11.22
N ASN B 420 11.44 18.02 11.62
CA ASN B 420 10.27 18.89 11.83
C ASN B 420 9.73 19.41 10.49
N THR B 421 9.10 18.52 9.75
CA THR B 421 8.55 18.85 8.41
C THR B 421 7.56 17.75 8.07
N ARG B 422 6.61 18.07 7.22
CA ARG B 422 5.70 17.08 6.72
C ARG B 422 6.38 16.11 5.74
N TYR B 423 7.56 16.49 5.25
CA TYR B 423 8.29 15.76 4.24
C TYR B 423 9.22 14.73 4.83
N GLY B 424 9.68 13.80 4.01
CA GLY B 424 10.56 12.75 4.51
C GLY B 424 11.10 11.88 3.41
N LEU B 425 11.58 12.52 2.35
CA LEU B 425 12.03 11.81 1.19
C LEU B 425 13.47 11.34 1.32
N ALA B 426 14.33 12.25 1.74
CA ALA B 426 15.74 11.95 1.84
C ALA B 426 16.42 12.83 2.87
N ALA B 427 17.65 12.48 3.19
CA ALA B 427 18.52 13.24 4.06
C ALA B 427 19.95 12.73 3.93
N ALA B 428 20.90 13.53 4.41
CA ALA B 428 22.32 13.20 4.34
C ALA B 428 23.10 13.73 5.55
N VAL B 429 24.10 12.98 6.00
CA VAL B 429 25.10 13.47 6.96
C VAL B 429 26.47 13.41 6.35
N PHE B 430 27.26 14.44 6.66
CA PHE B 430 28.69 14.44 6.45
C PHE B 430 29.43 14.42 7.79
N THR B 431 30.25 13.39 7.96
CA THR B 431 31.04 13.20 9.17
C THR B 431 32.04 12.09 8.94
N ARG B 432 33.11 12.13 9.72
CA ARG B 432 34.17 11.12 9.70
C ARG B 432 33.96 10.08 10.80
N ASP B 433 33.06 10.39 11.73
CA ASP B 433 32.85 9.61 12.95
C ASP B 433 31.83 8.46 12.74
N LEU B 434 32.23 7.26 13.14
CA LEU B 434 31.42 6.06 12.97
C LEU B 434 30.14 6.12 13.79
N ASP B 435 30.28 6.41 15.08
CA ASP B 435 29.13 6.49 15.99
C ASP B 435 28.08 7.55 15.58
N LYS B 436 28.52 8.70 15.11
CA LYS B 436 27.57 9.76 14.70
C LYS B 436 26.88 9.39 13.41
N ALA B 437 27.59 8.80 12.47
CA ALA B 437 27.00 8.36 11.22
C ALA B 437 25.88 7.34 11.50
N MET B 438 26.18 6.36 12.37
CA MET B 438 25.23 5.35 12.77
C MET B 438 24.00 5.93 13.49
N TYR B 439 24.20 6.85 14.43
CA TYR B 439 23.06 7.52 15.10
C TYR B 439 22.10 8.22 14.13
N PHE B 440 22.66 9.00 13.21
CA PHE B 440 21.88 9.71 12.20
C PHE B 440 21.08 8.78 11.27
N THR B 441 21.65 7.63 10.90
CA THR B 441 20.93 6.67 10.07
C THR B 441 19.67 6.13 10.75
N GLN B 442 19.67 6.04 12.08
CA GLN B 442 18.48 5.69 12.86
C GLN B 442 17.53 6.87 13.09
N ALA B 443 18.10 8.05 13.33
CA ALA B 443 17.32 9.16 13.89
C ALA B 443 16.57 9.97 12.83
N LEU B 444 17.13 10.02 11.62
CA LEU B 444 16.53 10.81 10.54
C LEU B 444 15.36 10.09 9.90
N GLN B 445 14.24 10.81 9.83
CA GLN B 445 12.97 10.29 9.35
C GLN B 445 12.87 10.53 7.86
N ALA B 446 13.56 9.71 7.10
CA ALA B 446 13.59 9.84 5.68
C ALA B 446 13.74 8.47 5.04
N GLY B 447 13.18 8.33 3.85
CA GLY B 447 13.23 7.08 3.11
C GLY B 447 14.62 6.65 2.67
N THR B 448 15.47 7.65 2.37
CA THR B 448 16.87 7.45 2.06
C THR B 448 17.72 8.38 2.93
N VAL B 449 18.73 7.79 3.58
CA VAL B 449 19.77 8.50 4.27
C VAL B 449 21.12 8.21 3.58
N TRP B 450 21.74 9.26 3.07
CA TRP B 450 23.11 9.22 2.52
C TRP B 450 24.11 9.61 3.60
N VAL B 451 25.23 8.91 3.63
CA VAL B 451 26.35 9.26 4.48
C VAL B 451 27.56 9.59 3.59
N ASN B 452 27.99 10.85 3.68
CA ASN B 452 29.16 11.37 2.97
C ASN B 452 28.97 11.32 1.47
N THR B 453 27.73 11.42 1.04
CA THR B 453 27.42 11.50 -0.37
C THR B 453 26.00 12.04 -0.49
N TYR B 454 25.51 12.17 -1.72
CA TYR B 454 24.18 12.73 -1.96
C TYR B 454 23.69 12.34 -3.34
N ASN B 455 22.37 12.14 -3.47
CA ASN B 455 21.72 11.85 -4.75
C ASN B 455 22.12 10.54 -5.45
N ILE B 456 22.61 9.58 -4.68
CA ILE B 456 22.93 8.28 -5.22
C ILE B 456 21.64 7.44 -5.14
N VAL B 457 20.82 7.55 -6.19
CA VAL B 457 19.62 6.73 -6.38
C VAL B 457 19.81 5.97 -7.68
N THR B 458 20.00 4.67 -7.59
CA THR B 458 20.12 3.82 -8.77
C THR B 458 18.96 2.80 -8.84
N CYS B 459 18.98 2.00 -9.89
CA CYS B 459 17.98 0.93 -10.06
C CYS B 459 17.92 -0.08 -8.88
N HIS B 460 19.03 -0.27 -8.16
CA HIS B 460 19.11 -1.23 -7.02
C HIS B 460 18.52 -0.69 -5.72
N THR B 461 18.37 0.64 -5.58
CA THR B 461 18.15 1.28 -4.27
C THR B 461 16.69 1.66 -4.09
N PRO B 462 15.94 0.94 -3.22
CA PRO B 462 14.58 1.35 -2.94
C PRO B 462 14.51 2.84 -2.59
N PHE B 463 13.49 3.52 -3.10
CA PHE B 463 13.38 4.99 -2.99
C PHE B 463 11.93 5.36 -2.74
N GLY B 464 11.73 6.20 -1.74
CA GLY B 464 10.43 6.80 -1.49
C GLY B 464 10.38 7.47 -0.14
N GLY B 465 9.23 8.04 0.17
CA GLY B 465 9.08 8.92 1.32
C GLY B 465 8.50 8.30 2.57
N PHE B 466 8.96 8.82 3.70
CA PHE B 466 8.25 8.81 4.96
C PHE B 466 7.22 9.95 4.90
N LYS B 467 6.20 9.88 5.75
CA LYS B 467 5.24 10.97 6.03
C LYS B 467 4.58 11.39 4.75
N GLU B 468 4.43 12.69 4.48
CA GLU B 468 3.76 13.15 3.25
C GLU B 468 4.65 13.23 2.02
N SER B 469 5.86 12.64 2.07
CA SER B 469 6.68 12.48 0.84
C SER B 469 6.34 11.24 0.00
N GLY B 470 5.44 10.41 0.50
CA GLY B 470 4.95 9.27 -0.27
C GLY B 470 4.40 8.09 0.52
N ASN B 471 4.00 7.08 -0.25
CA ASN B 471 3.42 5.81 0.20
C ASN B 471 4.02 4.77 -0.69
N GLY B 472 4.82 3.85 -0.14
CA GLY B 472 5.44 2.78 -0.92
C GLY B 472 6.82 3.13 -1.42
N ARG B 473 7.47 2.17 -2.07
CA ARG B 473 8.82 2.38 -2.57
C ARG B 473 8.91 2.03 -4.03
N GLU B 474 9.81 2.69 -4.74
CA GLU B 474 10.18 2.26 -6.09
C GLU B 474 11.63 1.82 -6.12
N LEU B 475 11.98 1.13 -7.19
CA LEU B 475 13.31 0.63 -7.47
C LEU B 475 13.72 -0.51 -6.53
N GLY B 476 14.77 -1.21 -6.90
CA GLY B 476 15.21 -2.38 -6.15
C GLY B 476 14.20 -3.53 -6.24
N GLU B 477 14.50 -4.59 -5.52
CA GLU B 477 13.56 -5.68 -5.29
C GLU B 477 12.30 -5.21 -4.61
N ASP B 478 12.44 -4.33 -3.64
CA ASP B 478 11.29 -3.84 -2.88
C ASP B 478 10.27 -3.09 -3.78
N GLY B 479 10.75 -2.50 -4.87
CA GLY B 479 9.93 -1.86 -5.89
C GLY B 479 9.04 -2.77 -6.70
N LEU B 480 9.33 -4.07 -6.74
CA LEU B 480 8.49 -5.02 -7.46
C LEU B 480 7.15 -5.27 -6.77
N LYS B 481 7.08 -5.01 -5.46
CA LYS B 481 5.98 -5.44 -4.61
C LYS B 481 4.70 -4.69 -4.89
N ALA B 482 4.83 -3.44 -5.31
CA ALA B 482 3.68 -2.62 -5.63
C ALA B 482 3.03 -3.08 -6.93
N TYR B 483 3.77 -3.80 -7.77
CA TYR B 483 3.24 -4.31 -9.06
C TYR B 483 2.83 -5.78 -9.00
N THR B 484 2.74 -6.33 -7.78
CA THR B 484 2.42 -7.72 -7.53
C THR B 484 1.15 -7.83 -6.69
N GLU B 485 0.23 -8.70 -7.09
CA GLU B 485 -0.92 -9.12 -6.27
C GLU B 485 -0.65 -10.59 -5.83
N VAL B 486 -0.60 -10.82 -4.53
CA VAL B 486 -0.32 -12.13 -3.93
C VAL B 486 -1.61 -12.99 -3.86
N LYS B 487 -1.53 -14.22 -4.35
CA LYS B 487 -2.58 -15.21 -4.18
C LYS B 487 -2.05 -16.38 -3.35
N THR B 488 -2.77 -16.73 -2.30
CA THR B 488 -2.46 -17.91 -1.51
C THR B 488 -3.28 -19.07 -2.02
N VAL B 489 -2.61 -20.19 -2.25
CA VAL B 489 -3.24 -21.42 -2.69
C VAL B 489 -3.00 -22.46 -1.60
N THR B 490 -4.10 -22.96 -1.03
CA THR B 490 -4.09 -23.95 0.02
C THR B 490 -4.89 -25.19 -0.42
N ILE B 491 -4.17 -26.32 -0.52
CA ILE B 491 -4.67 -27.57 -1.10
C ILE B 491 -4.66 -28.66 -0.04
N LYS B 492 -5.81 -29.30 0.16
CA LYS B 492 -5.93 -30.50 0.99
C LYS B 492 -5.11 -31.64 0.36
N VAL B 493 -4.23 -32.27 1.15
CA VAL B 493 -3.38 -33.39 0.68
C VAL B 493 -3.69 -34.66 1.49
N PRO B 494 -3.47 -35.85 0.91
CA PRO B 494 -3.87 -37.10 1.58
C PRO B 494 -3.19 -37.33 2.93
N GLN B 495 -1.88 -37.13 2.97
CA GLN B 495 -1.15 -37.01 4.23
C GLN B 495 -0.02 -36.01 4.02
N LYS B 496 0.53 -35.56 5.13
CA LYS B 496 1.54 -34.53 5.15
C LYS B 496 2.79 -35.09 5.80
N ASN B 497 3.91 -34.97 5.11
CA ASN B 497 5.22 -35.18 5.69
C ASN B 497 6.12 -33.96 5.52
N SER B 498 7.00 -33.75 6.49
CA SER B 498 8.01 -32.70 6.42
C SER B 498 8.95 -32.94 5.23
NA NA C . -23.00 -7.93 22.05
PA NAD D . -18.41 -2.08 9.25
O1A NAD D . -17.71 -1.60 8.00
O2A NAD D . -19.78 -1.47 9.33
O5B NAD D . -17.65 -1.68 10.59
C5B NAD D . -16.38 -2.30 10.87
C4B NAD D . -15.66 -1.49 11.93
O4B NAD D . -15.47 -0.16 11.43
C3B NAD D . -16.41 -1.32 13.22
O3B NAD D . -15.46 -1.19 14.29
C2B NAD D . -17.19 -0.02 13.06
O2B NAD D . -17.45 0.61 14.33
C1B NAD D . -16.20 0.79 12.24
N9A NAD D . -16.79 1.78 11.34
C8A NAD D . -18.04 1.80 10.81
N7A NAD D . -18.21 2.91 10.07
C5A NAD D . -17.05 3.60 10.10
C6A NAD D . -16.60 4.79 9.54
N6A NAD D . -17.42 5.50 8.74
N1A NAD D . -15.35 5.20 9.79
C2A NAD D . -14.52 4.47 10.56
N3A NAD D . -14.88 3.33 11.16
C4A NAD D . -16.12 2.85 10.94
O3 NAD D . -18.62 -3.64 9.15
PN NAD D . -19.04 -4.75 10.21
O1N NAD D . -18.78 -4.32 11.71
O2N NAD D . -20.49 -4.79 9.96
O5D NAD D . -18.32 -6.15 9.84
C5D NAD D . -18.75 -6.91 8.70
C4D NAD D . -17.89 -6.66 7.48
O4D NAD D . -16.50 -6.94 7.80
C3D NAD D . -18.26 -7.61 6.36
O3D NAD D . -18.31 -6.92 5.11
C2D NAD D . -17.13 -8.64 6.39
O2D NAD D . -16.94 -9.30 5.16
C1D NAD D . -15.93 -7.79 6.82
N1N NAD D . -14.82 -8.64 7.33
C2N NAD D . -13.70 -8.80 6.59
C3N NAD D . -12.65 -9.62 7.04
C7N NAD D . -11.39 -9.79 6.25
O7N NAD D . -10.38 -10.22 6.86
N7N NAD D . -11.43 -9.46 4.95
C4N NAD D . -12.77 -10.28 8.26
C5N NAD D . -13.92 -10.09 9.00
C6N NAD D . -14.95 -9.27 8.52
C10 ZGG E . -13.47 -26.20 8.84
C13 ZGG E . -16.13 -28.33 10.28
C20 ZGG E . -11.81 -17.38 8.85
C21 ZGG E . -11.73 -16.61 10.02
C22 ZGG E . -11.65 -17.23 11.27
C11 ZGG E . -12.75 -25.03 9.08
C12 ZGG E . -15.45 -27.71 9.20
C14 ZGG E . -16.83 -29.53 10.06
C16 ZGG E . -16.12 -29.55 7.76
C23 ZGG E . -11.66 -18.63 11.37
C25 ZGG E . -11.21 -18.84 13.87
O24 ZGG E . -11.59 -19.32 12.56
C19 ZGG E . -11.82 -18.78 8.94
C18 ZGG E . -11.75 -19.40 10.19
N2 ZGG E . -11.75 -20.87 10.29
C3 ZGG E . -10.77 -21.66 10.77
C30 ZGG E . -9.46 -21.15 11.26
C29 ZGG E . -8.31 -22.14 11.27
C28 ZGG E . -8.31 -23.11 10.10
C27 ZGG E . -9.10 -24.38 10.36
C26 ZGG E . -10.38 -24.17 11.15
N4 ZGG E . -11.19 -22.95 10.70
C5 ZGG E . -12.43 -22.91 10.17
C1 ZGG E . -12.83 -21.67 9.91
C6 ZGG E . -13.19 -24.01 9.94
C9 ZGG E . -14.70 -26.43 9.45
C8 ZGG E . -15.19 -25.43 10.31
C7 ZGG E . -14.44 -24.26 10.54
C17 ZGG E . -15.44 -28.34 7.95
C15 ZGG E . -16.82 -30.15 8.81
OH6 1PE F . -42.76 -19.38 15.90
C16 1PE F . -41.20 -18.35 14.35
C26 1PE F . -41.79 -19.66 14.87
OH7 1PE F . -41.09 -18.36 12.93
OH5 1PE G . 21.71 0.81 13.34
C15 1PE G . 22.38 1.25 11.11
C25 1PE G . 22.48 1.72 12.55
OH6 1PE G . 21.38 1.99 10.45
OH5 1PE H . -15.19 -12.91 -2.66
C15 1PE H . -15.15 -13.61 -5.16
C25 1PE H . -14.56 -13.67 -3.76
OH6 1PE H . -14.13 -14.03 -6.05
C16 1PE H . -13.54 -15.86 -7.46
C26 1PE H . -14.50 -14.69 -7.25
OH7 1PE H . -13.39 -16.29 -8.82
OH6 1PE I . -24.84 -4.40 13.06
C16 1PE I . -23.52 -4.60 11.02
C26 1PE I . -24.82 -4.16 11.64
OH7 1PE I . -22.62 -3.47 10.94
OH6 1PE J . 5.75 -22.15 18.26
C16 1PE J . 5.49 -21.02 16.24
C26 1PE J . 5.30 -22.37 16.93
OH7 1PE J . 4.36 -20.59 15.46
OH6 1PE K . -16.21 8.37 7.81
C16 1PE K . -13.98 7.94 7.26
C26 1PE K . -14.93 8.98 7.80
OH7 1PE K . -13.56 7.05 8.30
OH6 1PE L . 12.97 -11.57 6.89
C16 1PE L . 13.80 -13.19 5.24
C26 1PE L . 13.37 -12.93 6.68
OH7 1PE L . 15.21 -12.98 5.10
OH6 1PE M . -7.77 -8.42 -10.65
C16 1PE M . -5.99 -9.81 -11.60
C26 1PE M . -6.38 -8.74 -10.57
OH7 1PE M . -4.64 -10.26 -11.32
OH6 1PE N . -21.75 -4.86 7.20
C16 1PE N . -22.59 -6.88 6.35
C26 1PE N . -21.80 -5.64 6.00
OH7 1PE N . -23.17 -6.64 7.64
OH6 1PE O . -2.33 -24.72 22.73
C16 1PE O . -2.88 -23.62 20.78
C26 1PE O . -2.80 -24.98 21.42
OH7 1PE O . -1.51 -23.28 20.57
OH6 1PE P . 2.64 13.23 9.85
C16 1PE P . 2.18 11.91 8.01
C26 1PE P . 2.26 11.88 9.53
OH7 1PE P . 1.84 10.60 7.50
NA NA Q . 8.94 21.79 -22.93
PA NAD R . 2.30 17.77 -10.33
O1A NAD R . 1.67 17.17 -9.09
O2A NAD R . 1.64 19.13 -10.58
O5B NAD R . 2.16 16.99 -11.71
C5B NAD R . 2.70 15.67 -11.81
C4B NAD R . 1.98 14.85 -12.88
O4B NAD R . 0.64 14.69 -12.43
C3B NAD R . 1.88 15.53 -14.23
O3B NAD R . 1.77 14.47 -15.18
C2B NAD R . 0.59 16.33 -14.19
O2B NAD R . 0.00 16.48 -15.50
C1B NAD R . -0.25 15.37 -13.34
N9A NAD R . -1.37 15.99 -12.60
C8A NAD R . -1.53 17.27 -12.19
N7A NAD R . -2.73 17.42 -11.56
C5A NAD R . -3.34 16.23 -11.56
C6A NAD R . -4.54 15.74 -11.08
N6A NAD R . -5.35 16.58 -10.44
N1A NAD R . -4.84 14.44 -11.23
C2A NAD R . -4.00 13.59 -11.87
N3A NAD R . -2.82 13.99 -12.36
C4A NAD R . -2.44 15.28 -12.24
O3 NAD R . 3.82 18.07 -10.08
PN NAD R . 5.04 18.49 -11.03
O1N NAD R . 4.85 18.09 -12.55
O2N NAD R . 5.00 19.95 -10.85
O5D NAD R . 6.47 17.90 -10.55
C5D NAD R . 7.12 18.45 -9.41
C4D NAD R . 6.81 17.64 -8.16
O4D NAD R . 7.11 16.24 -8.34
C3D NAD R . 7.68 18.12 -7.01
O3D NAD R . 6.86 18.35 -5.86
C2D NAD R . 8.69 17.01 -6.85
O2D NAD R . 9.22 16.90 -5.53
C1D NAD R . 7.92 15.77 -7.26
N1N NAD R . 8.79 14.65 -7.65
C2N NAD R . 8.87 13.55 -6.85
C3N NAD R . 9.70 12.47 -7.22
C7N NAD R . 9.84 11.26 -6.37
O7N NAD R . 10.22 10.22 -6.90
N7N NAD R . 9.53 11.33 -5.08
C4N NAD R . 10.44 12.55 -8.40
C5N NAD R . 10.33 13.69 -9.21
C6N NAD R . 9.50 14.73 -8.80
C10 ZGG S . 26.60 13.37 -7.84
C13 ZGG S . 28.78 16.01 -9.31
C20 ZGG S . 17.71 11.70 -8.46
C21 ZGG S . 17.03 11.54 -9.67
C22 ZGG S . 17.76 11.38 -10.87
C11 ZGG S . 25.45 12.63 -8.12
C12 ZGG S . 28.12 15.35 -8.25
C14 ZGG S . 29.96 16.74 -9.09
C16 ZGG S . 29.87 16.15 -6.76
C23 ZGG S . 19.18 11.38 -10.85
C25 ZGG S . 19.59 10.93 -13.32
O24 ZGG S . 19.97 11.24 -11.97
C19 ZGG S . 19.11 11.70 -8.44
C18 ZGG S . 19.85 11.53 -9.63
N2 ZGG S . 21.36 11.53 -9.61
C3 ZGG S . 22.19 10.52 -9.96
C30 ZGG S . 21.75 9.19 -10.44
C29 ZGG S . 22.34 8.03 -9.64
C28 ZGG S . 23.86 7.92 -9.46
C27 ZGG S . 24.63 8.70 -10.51
C26 ZGG S . 24.77 10.16 -10.09
N4 ZGG S . 23.47 10.93 -9.81
C5 ZGG S . 23.40 12.20 -9.36
C1 ZGG S . 22.15 12.62 -9.23
C6 ZGG S . 24.49 12.97 -9.09
C9 ZGG S . 26.87 14.55 -8.53
C8 ZGG S . 25.94 14.93 -9.50
C7 ZGG S . 24.78 14.17 -9.77
C17 ZGG S . 28.70 15.42 -6.97
C15 ZGG S . 30.50 16.81 -7.82
C1 GOL T . 0.48 -22.48 -12.72
O1 GOL T . 1.80 -22.11 -13.17
C2 GOL T . 0.44 -22.77 -11.21
O2 GOL T . 1.28 -21.83 -10.53
C3 GOL T . -0.96 -22.68 -10.64
O3 GOL T . -0.97 -22.58 -9.20
C1 GOL U . 12.93 15.51 5.89
O1 GOL U . 13.42 14.73 4.79
C2 GOL U . 13.17 14.96 7.30
O2 GOL U . 12.00 14.21 7.78
C3 GOL U . 14.47 14.14 7.39
O3 GOL U . 15.25 14.35 8.58
OH6 1PE V . 8.88 -26.18 2.01
C16 1PE V . 6.58 -26.86 2.53
C26 1PE V . 8.05 -27.28 2.42
OH7 1PE V . 5.70 -27.62 1.69
OH5 1PE W . 2.78 34.28 -1.77
C15 1PE W . 3.16 32.15 -3.06
C25 1PE W . 3.14 32.92 -1.74
OH6 1PE W . 4.35 31.34 -3.12
C16 1PE W . 5.98 31.85 -4.79
C26 1PE W . 4.72 31.05 -4.47
OH7 1PE W . 6.32 32.59 -3.61
OH5 1PE X . 6.10 -16.33 -9.02
C15 1PE X . 4.32 -17.76 -9.71
C25 1PE X . 5.09 -17.23 -8.53
OH6 1PE X . 4.88 -19.06 -9.98
OH6 1PE Y . 1.34 43.46 8.84
C16 1PE Y . -0.53 43.49 7.33
C26 1PE Y . 0.01 43.97 8.67
OH7 1PE Y . -0.19 42.11 7.16
OH6 1PE Z . 11.60 5.65 -34.07
C16 1PE Z . 12.77 3.74 -34.56
C26 1PE Z . 12.44 5.12 -35.08
OH7 1PE Z . 11.59 2.92 -34.66
OH6 1PE AA . 13.84 -15.02 -3.99
C16 1PE AA . 12.77 -13.01 -4.41
C26 1PE AA . 14.09 -13.72 -4.52
OH7 1PE AA . 12.02 -13.42 -5.55
OH6 1PE BA . 21.58 -5.10 -14.01
C16 1PE BA . 20.57 -7.15 -14.54
C26 1PE BA . 21.64 -6.20 -14.95
OH7 1PE BA . 19.46 -7.23 -15.43
#